data_2JK6
#
_entry.id   2JK6
#
_cell.length_a   103.451
_cell.length_b   103.451
_cell.length_c   192.621
_cell.angle_alpha   90.00
_cell.angle_beta   90.00
_cell.angle_gamma   90.00
#
_symmetry.space_group_name_H-M   'P 41'
#
loop_
_entity.id
_entity.type
_entity.pdbx_description
1 polymer 'TRYPANOTHIONE REDUCTASE'
2 non-polymer 'FLAVIN-ADENINE DINUCLEOTIDE'
3 non-polymer 'SULFATE ION'
4 water water
#
_entity_poly.entity_id   1
_entity_poly.type   'polypeptide(L)'
_entity_poly.pdbx_seq_one_letter_code
;MGSSHHHHHHSSGLVPRGSHMSRAYDLVVLGAGSGGLEAGWNAAVTHKKKVAVVDVQATHGPPLFAALGGTCVNVGCVPK
KLMVTGAQYMDLIRESGGFGWEMDRESLCPNWKTLIAAKNKVVNSINESYKSMFADTEGLSFHMGFGALQDAHTVVVRKS
EDPHSDVLETLDTEYILIATGSWPTRLGVPGDEFCITSNEAFYLEDAPKRMLCVGGGYIAVEFAGIFNGYKPCGGYVDLC
YRGDLILRGFDTEVRKSLTKQLGANGIRVRTNLNPTKITKNEDGSNHVHFNDGTEEDYDQVMLAIGRVPRSQALQLDKAG
VRTGKNGAVQVDAYSKTSVDNIYAIGDVTNRVMLTPVAINEGAAFVETVFGGKPRATDHTKVACAVFSIPPIGTCGMTEE
EAAKNYETVAVYASSFTPLMHNISGSKHKEFMIRIITNESNGEVLGVHMLGDSAPEIIQSVGICMKMGAKISDFHSTIGV
HPTSAEELCSMRTPAYFYESGKRVEKLSSNL
;
_entity_poly.pdbx_strand_id   A,B
#
# COMPACT_ATOMS: atom_id res chain seq x y z
N MET A 21 34.90 -36.45 -2.94
CA MET A 21 35.39 -35.26 -2.18
C MET A 21 36.75 -35.48 -1.48
N SER A 22 37.49 -34.38 -1.35
CA SER A 22 38.77 -34.37 -0.64
C SER A 22 38.74 -33.40 0.54
N ARG A 23 37.63 -32.68 0.68
CA ARG A 23 37.54 -31.61 1.66
C ARG A 23 36.34 -31.80 2.60
N ALA A 24 36.45 -31.25 3.81
CA ALA A 24 35.39 -31.39 4.82
C ALA A 24 34.09 -30.68 4.43
N TYR A 25 34.22 -29.49 3.85
CA TYR A 25 33.06 -28.70 3.41
C TYR A 25 33.22 -28.15 2.00
N ASP A 26 32.10 -28.06 1.27
CA ASP A 26 32.06 -27.35 -0.01
C ASP A 26 32.09 -25.85 0.23
N LEU A 27 31.27 -25.39 1.18
CA LEU A 27 31.14 -23.97 1.47
C LEU A 27 31.24 -23.70 2.96
N VAL A 28 32.04 -22.70 3.31
CA VAL A 28 32.00 -22.11 4.64
C VAL A 28 31.54 -20.66 4.51
N VAL A 29 30.41 -20.35 5.14
CA VAL A 29 29.84 -19.00 5.11
C VAL A 29 30.18 -18.25 6.39
N LEU A 30 30.90 -17.14 6.24
CA LEU A 30 31.24 -16.28 7.37
C LEU A 30 30.13 -15.26 7.61
N GLY A 31 29.26 -15.56 8.55
CA GLY A 31 28.10 -14.73 8.85
C GLY A 31 26.81 -15.40 8.40
N ALA A 32 25.93 -15.64 9.37
CA ALA A 32 24.61 -16.22 9.09
C ALA A 32 23.56 -15.12 8.93
N GLY A 33 23.86 -14.15 8.07
CA GLY A 33 23.00 -13.00 7.86
C GLY A 33 21.94 -13.21 6.80
N SER A 34 21.38 -12.10 6.32
CA SER A 34 20.38 -12.13 5.25
C SER A 34 20.94 -12.86 4.03
N GLY A 35 22.14 -12.47 3.62
CA GLY A 35 22.82 -13.09 2.48
C GLY A 35 23.45 -14.43 2.81
N GLY A 36 24.10 -14.50 3.97
CA GLY A 36 24.75 -15.73 4.44
C GLY A 36 23.86 -16.96 4.46
N LEU A 37 22.77 -16.88 5.24
CA LEU A 37 21.83 -17.99 5.37
C LEU A 37 21.17 -18.38 4.05
N GLU A 38 20.81 -17.37 3.25
CA GLU A 38 20.20 -17.58 1.94
C GLU A 38 21.09 -18.45 1.08
N ALA A 39 22.37 -18.06 0.98
CA ALA A 39 23.34 -18.82 0.22
C ALA A 39 23.49 -20.23 0.81
N GLY A 40 23.80 -20.29 2.09
CA GLY A 40 24.01 -21.56 2.80
C GLY A 40 22.88 -22.56 2.63
N TRP A 41 21.65 -22.10 2.79
CA TRP A 41 20.46 -22.93 2.61
C TRP A 41 20.37 -23.48 1.18
N ASN A 42 20.60 -22.60 0.20
CA ASN A 42 20.48 -22.95 -1.22
C ASN A 42 21.45 -24.05 -1.64
N ALA A 43 22.73 -23.84 -1.32
CA ALA A 43 23.76 -24.83 -1.60
C ALA A 43 23.43 -26.18 -0.98
N ALA A 44 22.90 -26.14 0.24
CA ALA A 44 22.59 -27.36 0.98
C ALA A 44 21.38 -28.12 0.43
N VAL A 45 20.27 -27.43 0.20
CA VAL A 45 19.02 -28.12 -0.20
C VAL A 45 18.93 -28.38 -1.71
N THR A 46 19.14 -27.32 -2.50
CA THR A 46 18.96 -27.41 -3.94
C THR A 46 20.15 -28.08 -4.68
N HIS A 47 21.32 -28.09 -4.05
CA HIS A 47 22.52 -28.67 -4.67
C HIS A 47 23.24 -29.70 -3.81
N LYS A 48 22.62 -30.07 -2.70
CA LYS A 48 23.11 -31.12 -1.80
C LYS A 48 24.61 -31.01 -1.44
N LYS A 49 25.05 -29.79 -1.15
CA LYS A 49 26.45 -29.54 -0.79
C LYS A 49 26.65 -29.53 0.73
N LYS A 50 27.88 -29.75 1.17
CA LYS A 50 28.22 -29.67 2.59
C LYS A 50 28.56 -28.24 2.94
N VAL A 51 27.65 -27.59 3.67
CA VAL A 51 27.76 -26.18 4.01
C VAL A 51 27.95 -26.01 5.50
N ALA A 52 28.93 -25.18 5.88
CA ALA A 52 29.13 -24.79 7.26
C ALA A 52 28.88 -23.30 7.38
N VAL A 53 28.09 -22.91 8.38
CA VAL A 53 27.73 -21.51 8.55
C VAL A 53 28.17 -21.00 9.92
N VAL A 54 28.96 -19.93 9.93
CA VAL A 54 29.56 -19.42 11.14
C VAL A 54 28.94 -18.09 11.54
N ASP A 55 28.40 -18.01 12.75
CA ASP A 55 27.95 -16.74 13.31
C ASP A 55 28.26 -16.66 14.80
N VAL A 56 28.25 -15.44 15.32
CA VAL A 56 28.74 -15.10 16.65
C VAL A 56 27.91 -15.71 17.80
N GLN A 57 26.59 -15.68 17.67
CA GLN A 57 25.70 -16.29 18.67
C GLN A 57 24.43 -16.87 18.05
N ALA A 58 23.61 -17.51 18.90
CA ALA A 58 22.42 -18.23 18.45
C ALA A 58 21.14 -17.40 18.55
N THR A 59 21.07 -16.54 19.57
CA THR A 59 19.92 -15.67 19.78
C THR A 59 20.37 -14.22 19.93
N HIS A 60 19.45 -13.29 19.65
CA HIS A 60 19.74 -11.86 19.69
C HIS A 60 20.13 -11.37 21.07
N GLY A 61 20.82 -10.24 21.13
CA GLY A 61 21.09 -9.57 22.40
C GLY A 61 22.51 -9.08 22.61
N PRO A 62 22.69 -8.12 23.53
CA PRO A 62 24.01 -7.66 23.97
C PRO A 62 24.79 -8.78 24.67
N PRO A 63 26.14 -8.71 24.64
CA PRO A 63 26.96 -7.61 24.11
C PRO A 63 27.29 -7.74 22.61
N LEU A 64 26.75 -8.77 21.96
CA LEU A 64 27.09 -9.05 20.56
C LEU A 64 26.04 -8.55 19.57
N PHE A 65 24.80 -8.41 20.04
CA PHE A 65 23.67 -7.86 19.28
C PHE A 65 23.23 -8.73 18.09
N ALA A 66 24.02 -8.71 17.01
CA ALA A 66 23.74 -9.54 15.84
C ALA A 66 23.89 -11.02 16.19
N ALA A 67 23.12 -11.85 15.51
CA ALA A 67 23.10 -13.28 15.79
C ALA A 67 22.68 -14.06 14.56
N LEU A 68 22.39 -15.34 14.76
CA LEU A 68 21.83 -16.20 13.73
C LEU A 68 20.61 -15.52 13.14
N GLY A 69 20.68 -15.19 11.84
CA GLY A 69 19.63 -14.43 11.17
C GLY A 69 20.15 -13.09 10.67
N GLY A 70 21.26 -12.64 11.26
CA GLY A 70 21.90 -11.41 10.82
C GLY A 70 21.32 -10.17 11.44
N THR A 71 21.81 -9.01 10.99
CA THR A 71 21.38 -7.72 11.51
C THR A 71 19.88 -7.52 11.34
N CYS A 72 19.38 -7.74 10.13
CA CYS A 72 17.98 -7.51 9.80
C CYS A 72 16.99 -8.18 10.75
N VAL A 73 17.23 -9.43 11.07
CA VAL A 73 16.35 -10.19 11.95
C VAL A 73 16.50 -9.75 13.40
N ASN A 74 17.74 -9.53 13.81
CA ASN A 74 18.06 -9.33 15.22
C ASN A 74 18.09 -7.88 15.68
N VAL A 75 18.79 -7.02 14.92
CA VAL A 75 18.92 -5.61 15.27
C VAL A 75 18.75 -4.68 14.06
N GLY A 76 17.82 -5.02 13.17
CA GLY A 76 17.60 -4.25 11.94
C GLY A 76 16.14 -4.15 11.52
N CYS A 77 15.89 -4.42 10.23
CA CYS A 77 14.57 -4.24 9.61
C CYS A 77 13.42 -4.77 10.46
N VAL A 78 13.54 -6.01 10.90
CA VAL A 78 12.43 -6.69 11.59
C VAL A 78 12.07 -6.01 12.92
N PRO A 79 13.01 -5.95 13.91
CA PRO A 79 12.66 -5.27 15.16
C PRO A 79 12.34 -3.79 14.98
N LYS A 80 13.09 -3.10 14.11
CA LYS A 80 12.86 -1.69 13.85
C LYS A 80 11.43 -1.41 13.36
N LYS A 81 10.91 -2.29 12.51
CA LYS A 81 9.57 -2.05 11.94
C LYS A 81 8.46 -2.30 12.96
N LEU A 82 8.66 -3.27 13.85
CA LEU A 82 7.70 -3.53 14.92
C LEU A 82 7.58 -2.32 15.84
N MET A 83 8.72 -1.66 16.07
CA MET A 83 8.75 -0.48 16.92
C MET A 83 8.16 0.75 16.24
N VAL A 84 8.39 0.88 14.94
CA VAL A 84 7.77 1.94 14.14
C VAL A 84 6.25 1.75 14.16
N THR A 85 5.81 0.51 13.93
CA THR A 85 4.38 0.17 13.99
C THR A 85 3.79 0.59 15.32
N GLY A 86 4.53 0.32 16.40
CA GLY A 86 4.13 0.70 17.75
C GLY A 86 3.97 2.20 17.89
N ALA A 87 4.99 2.95 17.45
CA ALA A 87 5.01 4.41 17.58
C ALA A 87 3.97 5.07 16.69
N GLN A 88 3.60 4.38 15.62
CA GLN A 88 2.62 4.84 14.65
C GLN A 88 1.23 4.99 15.31
N TYR A 89 1.00 4.22 16.36
CA TYR A 89 -0.29 4.25 17.07
C TYR A 89 -0.55 5.59 17.75
N MET A 90 0.52 6.33 18.08
CA MET A 90 0.36 7.65 18.68
C MET A 90 -0.51 8.52 17.79
N ASP A 91 -0.16 8.59 16.51
CA ASP A 91 -0.90 9.37 15.53
C ASP A 91 -2.29 8.77 15.31
N LEU A 92 -2.34 7.45 15.17
CA LEU A 92 -3.60 6.75 14.92
C LEU A 92 -4.64 6.92 16.03
N ILE A 93 -4.18 6.99 17.27
CA ILE A 93 -5.06 7.18 18.42
C ILE A 93 -5.60 8.61 18.45
N ARG A 94 -4.70 9.57 18.20
CA ARG A 94 -5.09 10.97 18.09
C ARG A 94 -6.09 11.19 16.95
N GLU A 95 -5.86 10.53 15.81
CA GLU A 95 -6.66 10.70 14.60
C GLU A 95 -8.07 10.10 14.68
N SER A 96 -8.25 9.13 15.57
CA SER A 96 -9.55 8.46 15.70
C SER A 96 -10.62 9.38 16.29
N GLY A 97 -10.18 10.37 17.06
CA GLY A 97 -11.07 11.33 17.72
C GLY A 97 -12.07 11.97 16.78
N GLY A 98 -11.56 12.48 15.66
CA GLY A 98 -12.39 13.10 14.64
C GLY A 98 -13.47 12.20 14.07
N PHE A 99 -13.26 10.89 14.16
CA PHE A 99 -14.22 9.90 13.64
C PHE A 99 -15.22 9.44 14.68
N GLY A 100 -15.08 9.94 15.91
CA GLY A 100 -16.05 9.66 16.96
C GLY A 100 -15.51 8.83 18.11
N TRP A 101 -14.24 8.50 18.05
CA TRP A 101 -13.64 7.65 19.08
C TRP A 101 -13.17 8.49 20.25
N GLU A 102 -14.01 8.51 21.29
CA GLU A 102 -13.76 9.30 22.49
C GLU A 102 -13.02 8.48 23.55
N MET A 103 -11.93 9.03 24.08
CA MET A 103 -11.18 8.42 25.17
C MET A 103 -10.19 9.40 25.78
N ASP A 104 -9.76 9.11 27.00
CA ASP A 104 -8.85 9.99 27.75
C ASP A 104 -7.49 10.09 27.08
N ARG A 105 -7.27 11.20 26.38
CA ARG A 105 -6.06 11.42 25.61
C ARG A 105 -4.98 12.18 26.37
N GLU A 106 -5.38 13.17 27.16
CA GLU A 106 -4.41 13.98 27.88
C GLU A 106 -3.63 13.16 28.92
N SER A 107 -2.30 13.28 28.81
CA SER A 107 -1.33 12.51 29.62
C SER A 107 -1.40 10.99 29.32
N LEU A 108 -1.43 10.66 28.03
CA LEU A 108 -1.43 9.25 27.58
C LEU A 108 -0.08 8.90 26.95
N CYS A 109 0.59 7.93 27.56
CA CYS A 109 1.90 7.47 27.10
C CYS A 109 1.96 5.96 27.02
N PRO A 110 2.68 5.42 26.03
CA PRO A 110 2.78 3.99 25.86
C PRO A 110 3.80 3.36 26.80
N ASN A 111 3.66 2.06 27.04
CA ASN A 111 4.59 1.30 27.86
C ASN A 111 5.73 0.78 27.01
N TRP A 112 6.90 1.41 27.13
CA TRP A 112 8.10 1.02 26.39
C TRP A 112 8.52 -0.41 26.72
N LYS A 113 8.36 -0.78 27.98
CA LYS A 113 8.80 -2.10 28.46
C LYS A 113 8.02 -3.25 27.84
N THR A 114 6.71 -3.06 27.66
CA THR A 114 5.90 -4.11 27.03
C THR A 114 6.18 -4.23 25.53
N LEU A 115 6.61 -3.13 24.92
CA LEU A 115 7.01 -3.12 23.51
C LEU A 115 8.28 -3.94 23.31
N ILE A 116 9.30 -3.64 24.11
CA ILE A 116 10.57 -4.34 24.05
C ILE A 116 10.39 -5.83 24.35
N ALA A 117 9.50 -6.14 25.30
CA ALA A 117 9.16 -7.52 25.63
C ALA A 117 8.51 -8.20 24.43
N ALA A 118 7.53 -7.54 23.84
CA ALA A 118 6.85 -8.03 22.66
C ALA A 118 7.83 -8.27 21.51
N LYS A 119 8.73 -7.30 21.30
CA LYS A 119 9.77 -7.40 20.27
C LYS A 119 10.69 -8.59 20.51
N ASN A 120 11.22 -8.70 21.73
CA ASN A 120 12.14 -9.78 22.09
C ASN A 120 11.51 -11.15 21.85
N LYS A 121 10.25 -11.29 22.23
CA LYS A 121 9.51 -12.52 22.03
C LYS A 121 9.54 -12.92 20.56
N VAL A 122 9.25 -11.96 19.67
CA VAL A 122 9.20 -12.19 18.23
C VAL A 122 10.58 -12.52 17.66
N VAL A 123 11.57 -11.67 17.94
CA VAL A 123 12.92 -11.86 17.41
C VAL A 123 13.48 -13.22 17.82
N ASN A 124 13.33 -13.56 19.10
CA ASN A 124 13.90 -14.82 19.60
C ASN A 124 13.11 -16.03 19.07
N SER A 125 11.83 -15.81 18.77
CA SER A 125 11.01 -16.79 18.09
C SER A 125 11.55 -17.13 16.70
N ILE A 126 12.07 -16.12 15.99
CA ILE A 126 12.71 -16.33 14.69
C ILE A 126 14.06 -17.03 14.86
N ASN A 127 14.81 -16.63 15.90
CA ASN A 127 16.05 -17.30 16.25
C ASN A 127 15.86 -18.81 16.44
N GLU A 128 14.78 -19.18 17.13
CA GLU A 128 14.48 -20.59 17.43
C GLU A 128 14.06 -21.38 16.20
N SER A 129 13.38 -20.73 15.26
CA SER A 129 12.98 -21.41 14.02
C SER A 129 14.20 -21.71 13.15
N TYR A 130 15.28 -20.96 13.35
CA TYR A 130 16.55 -21.22 12.67
C TYR A 130 17.29 -22.44 13.23
N LYS A 131 17.23 -22.63 14.55
CA LYS A 131 17.87 -23.80 15.16
C LYS A 131 17.33 -25.11 14.59
N SER A 132 16.01 -25.21 14.54
CA SER A 132 15.34 -26.41 14.00
C SER A 132 15.42 -26.50 12.47
N MET A 133 15.77 -25.39 11.82
CA MET A 133 16.05 -25.40 10.40
C MET A 133 17.37 -26.13 10.16
N PHE A 134 18.39 -25.79 10.94
CA PHE A 134 19.69 -26.45 10.88
C PHE A 134 19.58 -27.93 11.25
N ALA A 135 18.77 -28.21 12.28
CA ALA A 135 18.57 -29.58 12.74
C ALA A 135 17.94 -30.46 11.66
N ASP A 136 17.06 -29.89 10.85
CA ASP A 136 16.34 -30.66 9.84
C ASP A 136 17.03 -30.71 8.48
N THR A 137 17.83 -29.68 8.19
CA THR A 137 18.54 -29.61 6.92
C THR A 137 19.83 -30.44 6.97
N GLU A 138 19.94 -31.41 6.06
CA GLU A 138 21.14 -32.24 5.93
C GLU A 138 22.20 -31.52 5.11
N GLY A 139 23.44 -31.56 5.59
CA GLY A 139 24.55 -30.91 4.90
C GLY A 139 24.78 -29.49 5.36
N LEU A 140 23.84 -28.98 6.15
CA LEU A 140 23.94 -27.63 6.68
C LEU A 140 24.16 -27.67 8.19
N SER A 141 25.24 -27.05 8.64
CA SER A 141 25.59 -27.02 10.06
C SER A 141 25.99 -25.62 10.50
N PHE A 142 25.66 -25.30 11.75
CA PHE A 142 25.97 -24.01 12.35
C PHE A 142 27.16 -24.12 13.32
N HIS A 143 28.09 -23.18 13.21
CA HIS A 143 29.31 -23.20 14.02
C HIS A 143 29.48 -21.87 14.74
N MET A 144 29.19 -21.88 16.05
CA MET A 144 29.14 -20.65 16.83
C MET A 144 30.52 -20.15 17.27
N GLY A 145 30.80 -18.89 16.94
CA GLY A 145 32.05 -18.25 17.31
C GLY A 145 32.47 -17.21 16.28
N PHE A 146 33.66 -16.66 16.48
CA PHE A 146 34.21 -15.66 15.57
C PHE A 146 35.09 -16.30 14.53
N GLY A 147 34.74 -16.11 13.26
CA GLY A 147 35.49 -16.66 12.15
C GLY A 147 36.59 -15.74 11.65
N ALA A 148 37.63 -16.35 11.08
CA ALA A 148 38.77 -15.63 10.50
C ALA A 148 39.47 -16.57 9.52
N LEU A 149 40.18 -15.99 8.57
CA LEU A 149 40.83 -16.76 7.51
C LEU A 149 42.26 -17.18 7.86
N GLN A 150 42.69 -18.30 7.29
CA GLN A 150 44.07 -18.76 7.39
C GLN A 150 44.68 -18.79 5.99
N ASP A 151 43.96 -19.42 5.06
CA ASP A 151 44.32 -19.45 3.65
C ASP A 151 43.05 -19.62 2.84
N ALA A 152 43.19 -19.70 1.51
CA ALA A 152 42.05 -19.81 0.60
C ALA A 152 41.09 -20.97 0.89
N HIS A 153 41.49 -21.89 1.77
CA HIS A 153 40.71 -23.10 2.02
C HIS A 153 40.43 -23.40 3.49
N THR A 154 40.87 -22.51 4.38
CA THR A 154 40.79 -22.75 5.82
C THR A 154 40.20 -21.58 6.62
N VAL A 155 39.07 -21.85 7.27
CA VAL A 155 38.42 -20.88 8.15
C VAL A 155 38.51 -21.35 9.59
N VAL A 156 39.12 -20.52 10.44
CA VAL A 156 39.25 -20.84 11.85
C VAL A 156 38.18 -20.11 12.66
N VAL A 157 37.45 -20.87 13.47
CA VAL A 157 36.42 -20.33 14.35
C VAL A 157 37.01 -20.17 15.75
N ARG A 158 37.21 -18.92 16.17
CA ARG A 158 37.80 -18.62 17.47
C ARG A 158 36.74 -18.36 18.53
N LYS A 159 37.16 -18.44 19.79
CA LYS A 159 36.27 -18.24 20.93
C LYS A 159 35.78 -16.80 21.02
N SER A 160 36.69 -15.84 20.79
CA SER A 160 36.32 -14.43 20.74
C SER A 160 36.92 -13.71 19.53
N GLU A 161 36.63 -12.41 19.42
CA GLU A 161 37.12 -11.56 18.33
C GLU A 161 38.63 -11.38 18.39
N ASP A 162 39.17 -11.46 19.62
CA ASP A 162 40.61 -11.39 19.88
C ASP A 162 41.36 -12.53 19.18
N PRO A 163 42.28 -12.19 18.25
CA PRO A 163 42.99 -13.18 17.42
C PRO A 163 43.87 -14.18 18.20
N HIS A 164 43.95 -14.00 19.51
CA HIS A 164 44.68 -14.94 20.36
C HIS A 164 43.73 -15.78 21.22
N SER A 165 42.45 -15.82 20.84
CA SER A 165 41.46 -16.64 21.51
C SER A 165 41.65 -18.12 21.17
N ASP A 166 41.04 -18.99 21.97
CA ASP A 166 41.03 -20.41 21.70
C ASP A 166 40.36 -20.71 20.36
N VAL A 167 41.03 -21.53 19.55
CA VAL A 167 40.47 -22.02 18.31
C VAL A 167 39.43 -23.10 18.63
N LEU A 168 38.17 -22.83 18.31
CA LEU A 168 37.08 -23.78 18.59
C LEU A 168 37.00 -24.90 17.56
N GLU A 169 37.19 -24.55 16.29
CA GLU A 169 37.31 -25.53 15.22
C GLU A 169 38.01 -24.97 14.00
N THR A 170 38.56 -25.86 13.18
CA THR A 170 39.22 -25.49 11.93
C THR A 170 38.46 -26.13 10.78
N LEU A 171 37.89 -25.29 9.92
CA LEU A 171 37.04 -25.75 8.84
C LEU A 171 37.79 -25.79 7.52
N ASP A 172 38.02 -27.01 7.03
CA ASP A 172 38.68 -27.24 5.76
C ASP A 172 37.64 -27.22 4.65
N THR A 173 37.67 -26.19 3.81
CA THR A 173 36.61 -25.97 2.84
C THR A 173 37.10 -25.71 1.41
N GLU A 174 36.21 -25.96 0.45
CA GLU A 174 36.45 -25.64 -0.96
C GLU A 174 36.24 -24.16 -1.25
N TYR A 175 35.09 -23.63 -0.83
CA TYR A 175 34.75 -22.22 -1.05
C TYR A 175 34.50 -21.48 0.26
N ILE A 176 34.88 -20.20 0.27
CA ILE A 176 34.62 -19.31 1.40
C ILE A 176 33.75 -18.14 0.96
N LEU A 177 32.63 -17.93 1.65
CA LEU A 177 31.77 -16.78 1.42
C LEU A 177 31.77 -15.84 2.61
N ILE A 178 32.19 -14.60 2.39
CA ILE A 178 32.18 -13.58 3.43
C ILE A 178 30.86 -12.81 3.37
N ALA A 179 30.09 -12.90 4.45
CA ALA A 179 28.81 -12.23 4.56
C ALA A 179 28.64 -11.70 5.98
N THR A 180 29.69 -11.07 6.50
CA THR A 180 29.72 -10.58 7.87
C THR A 180 29.05 -9.21 8.07
N GLY A 181 28.57 -8.62 6.98
CA GLY A 181 27.80 -7.37 7.03
C GLY A 181 28.57 -6.17 7.53
N SER A 182 27.86 -5.26 8.19
CA SER A 182 28.44 -3.97 8.60
C SER A 182 28.28 -3.68 10.11
N TRP A 183 28.74 -2.52 10.53
CA TRP A 183 28.80 -2.14 11.94
C TRP A 183 28.80 -0.61 12.07
N PRO A 184 28.09 -0.06 13.08
CA PRO A 184 27.95 1.39 13.24
C PRO A 184 29.28 2.11 13.50
N THR A 185 29.52 3.20 12.77
CA THR A 185 30.67 4.08 13.01
C THR A 185 30.41 4.97 14.21
N ARG A 186 31.47 5.39 14.88
CA ARG A 186 31.31 6.28 16.03
C ARG A 186 31.78 7.70 15.74
N LEU A 187 31.52 8.61 16.68
CA LEU A 187 31.73 10.03 16.44
C LEU A 187 33.18 10.48 16.59
N GLY A 188 33.98 9.71 17.32
CA GLY A 188 35.39 10.05 17.57
C GLY A 188 35.53 11.42 18.23
N VAL A 189 34.89 11.56 19.39
CA VAL A 189 34.75 12.84 20.05
C VAL A 189 34.81 12.64 21.56
N PRO A 190 35.48 13.55 22.29
CA PRO A 190 35.48 13.51 23.76
C PRO A 190 34.09 13.18 24.33
N GLY A 191 33.97 12.02 24.95
CA GLY A 191 32.70 11.56 25.52
C GLY A 191 31.85 10.71 24.60
N ASP A 192 32.47 10.26 23.51
CA ASP A 192 31.81 9.42 22.50
C ASP A 192 31.24 8.12 23.08
N GLU A 193 31.97 7.52 24.01
CA GLU A 193 31.57 6.25 24.63
C GLU A 193 30.33 6.37 25.54
N PHE A 194 29.89 7.60 25.80
CA PHE A 194 28.65 7.82 26.56
C PHE A 194 27.42 7.72 25.68
N CYS A 195 27.62 7.57 24.37
CA CYS A 195 26.53 7.51 23.40
C CYS A 195 26.13 6.08 23.07
N ILE A 196 24.90 5.92 22.56
CA ILE A 196 24.42 4.64 22.08
C ILE A 196 24.28 4.65 20.56
N THR A 197 24.13 3.47 19.97
CA THR A 197 23.85 3.35 18.54
C THR A 197 22.52 2.61 18.38
N SER A 198 22.21 2.21 17.14
CA SER A 198 20.99 1.43 16.88
C SER A 198 20.96 0.14 17.71
N ASN A 199 22.12 -0.52 17.82
CA ASN A 199 22.27 -1.75 18.61
C ASN A 199 21.71 -1.64 20.02
N GLU A 200 22.21 -0.67 20.78
CA GLU A 200 21.85 -0.47 22.19
C GLU A 200 20.44 0.07 22.37
N ALA A 201 19.98 0.83 21.38
CA ALA A 201 18.64 1.42 21.42
C ALA A 201 17.55 0.36 21.51
N PHE A 202 17.79 -0.79 20.87
CA PHE A 202 16.85 -1.90 20.87
C PHE A 202 16.69 -2.55 22.25
N TYR A 203 17.58 -2.23 23.17
CA TYR A 203 17.60 -2.87 24.49
C TYR A 203 17.58 -1.88 25.65
N LEU A 204 17.19 -0.64 25.38
CA LEU A 204 17.04 0.37 26.44
C LEU A 204 15.99 -0.05 27.45
N GLU A 205 16.34 0.08 28.72
CA GLU A 205 15.46 -0.29 29.82
C GLU A 205 14.19 0.55 29.83
N ASP A 206 14.37 1.86 29.65
CA ASP A 206 13.26 2.82 29.64
C ASP A 206 13.32 3.72 28.42
N ALA A 207 12.15 4.17 27.97
CA ALA A 207 12.04 5.15 26.91
C ALA A 207 12.49 6.52 27.42
N PRO A 208 13.55 7.09 26.80
CA PRO A 208 14.16 8.36 27.21
C PRO A 208 13.17 9.53 27.19
N LYS A 209 13.31 10.44 28.14
CA LYS A 209 12.47 11.63 28.18
C LYS A 209 13.03 12.72 27.25
N ARG A 210 14.35 12.90 27.28
CA ARG A 210 15.01 13.91 26.47
C ARG A 210 16.02 13.22 25.55
N MET A 211 15.59 12.95 24.33
CA MET A 211 16.35 12.12 23.41
C MET A 211 17.01 12.93 22.30
N LEU A 212 18.26 12.61 22.00
CA LEU A 212 18.96 13.22 20.87
C LEU A 212 19.42 12.18 19.83
N CYS A 213 19.01 12.37 18.59
CA CYS A 213 19.46 11.56 17.47
C CYS A 213 20.43 12.35 16.61
N VAL A 214 21.65 11.86 16.49
CA VAL A 214 22.64 12.46 15.62
C VAL A 214 22.64 11.71 14.29
N GLY A 215 22.63 12.46 13.19
CA GLY A 215 22.65 11.87 11.86
C GLY A 215 21.49 12.30 10.99
N GLY A 216 21.54 11.94 9.71
CA GLY A 216 20.50 12.29 8.75
C GLY A 216 20.20 11.16 7.78
N GLY A 217 20.61 9.95 8.16
CA GLY A 217 20.33 8.76 7.37
C GLY A 217 18.96 8.21 7.74
N TYR A 218 18.52 7.20 6.99
CA TYR A 218 17.22 6.59 7.23
C TYR A 218 17.08 6.06 8.65
N ILE A 219 18.16 5.49 9.18
CA ILE A 219 18.19 4.97 10.54
C ILE A 219 17.92 6.09 11.56
N ALA A 220 18.62 7.21 11.40
CA ALA A 220 18.44 8.36 12.29
C ALA A 220 16.98 8.84 12.29
N VAL A 221 16.43 8.96 11.09
CA VAL A 221 15.05 9.42 10.90
C VAL A 221 14.01 8.44 11.46
N GLU A 222 14.17 7.16 11.16
CA GLU A 222 13.23 6.15 11.63
C GLU A 222 13.17 6.04 13.14
N PHE A 223 14.34 6.14 13.79
CA PHE A 223 14.45 6.05 15.25
C PHE A 223 13.92 7.30 15.97
N ALA A 224 14.22 8.47 15.42
CA ALA A 224 13.64 9.71 15.90
C ALA A 224 12.12 9.56 15.98
N GLY A 225 11.55 8.93 14.96
CA GLY A 225 10.12 8.65 14.91
C GLY A 225 9.64 7.67 15.96
N ILE A 226 10.49 6.70 16.30
CA ILE A 226 10.16 5.70 17.33
C ILE A 226 10.13 6.32 18.73
N PHE A 227 11.18 7.06 19.07
CA PHE A 227 11.28 7.72 20.36
C PHE A 227 10.21 8.80 20.54
N ASN A 228 9.89 9.49 19.44
CA ASN A 228 8.80 10.47 19.40
C ASN A 228 7.45 9.86 19.76
N GLY A 229 7.31 8.56 19.50
CA GLY A 229 6.07 7.85 19.78
C GLY A 229 6.04 7.30 21.20
N TYR A 230 7.22 6.95 21.71
CA TYR A 230 7.34 6.27 23.00
C TYR A 230 7.89 7.14 24.14
N LYS A 231 8.15 8.42 23.86
CA LYS A 231 8.54 9.38 24.90
C LYS A 231 7.47 9.48 26.00
N PRO A 232 7.91 9.63 27.27
CA PRO A 232 6.97 9.90 28.35
C PRO A 232 6.50 11.36 28.29
N CYS A 233 5.68 11.77 29.27
CA CYS A 233 5.20 13.15 29.35
C CYS A 233 6.32 14.18 29.39
N GLY A 234 6.08 15.32 28.74
CA GLY A 234 7.06 16.39 28.66
C GLY A 234 8.30 15.98 27.88
N GLY A 235 8.33 14.73 27.43
CA GLY A 235 9.42 14.22 26.62
C GLY A 235 9.50 14.90 25.27
N TYR A 236 10.68 14.85 24.66
CA TYR A 236 10.93 15.42 23.34
C TYR A 236 12.15 14.78 22.70
N VAL A 237 12.20 14.81 21.37
CA VAL A 237 13.34 14.26 20.64
C VAL A 237 13.88 15.27 19.63
N ASP A 238 15.19 15.49 19.66
CA ASP A 238 15.86 16.38 18.73
C ASP A 238 16.64 15.57 17.72
N LEU A 239 16.50 15.94 16.45
CA LEU A 239 17.28 15.32 15.39
C LEU A 239 18.37 16.29 14.94
N CYS A 240 19.62 15.90 15.17
CA CYS A 240 20.76 16.77 14.90
C CYS A 240 21.59 16.27 13.70
N TYR A 241 21.66 17.09 12.66
CA TYR A 241 22.38 16.75 11.44
C TYR A 241 23.37 17.83 11.07
N ARG A 242 24.53 17.41 10.57
CA ARG A 242 25.61 18.33 10.24
C ARG A 242 25.50 18.99 8.85
N GLY A 243 24.59 18.49 8.02
CA GLY A 243 24.36 19.06 6.69
C GLY A 243 23.13 19.95 6.62
N ASP A 244 22.83 20.44 5.41
CA ASP A 244 21.70 21.35 5.21
C ASP A 244 20.35 20.67 5.27
N LEU A 245 20.24 19.49 4.66
CA LEU A 245 18.98 18.78 4.53
C LEU A 245 19.19 17.31 4.84
N ILE A 246 18.29 16.73 5.63
CA ILE A 246 18.36 15.32 5.99
C ILE A 246 18.11 14.41 4.80
N LEU A 247 18.62 13.19 4.88
CA LEU A 247 18.42 12.14 3.87
C LEU A 247 19.04 12.47 2.51
N ARG A 248 20.36 12.66 2.50
CA ARG A 248 21.09 12.86 1.24
C ARG A 248 20.89 11.68 0.30
N GLY A 249 20.72 11.96 -0.98
CA GLY A 249 20.50 10.93 -1.99
C GLY A 249 19.05 10.69 -2.31
N PHE A 250 18.17 11.34 -1.55
CA PHE A 250 16.73 11.25 -1.79
C PHE A 250 16.23 12.47 -2.55
N ASP A 251 15.01 12.37 -3.07
CA ASP A 251 14.37 13.46 -3.77
C ASP A 251 14.29 14.69 -2.86
N THR A 252 14.80 15.81 -3.37
CA THR A 252 14.91 17.05 -2.58
C THR A 252 13.57 17.52 -2.02
N GLU A 253 12.53 17.48 -2.85
CA GLU A 253 11.18 17.87 -2.43
C GLU A 253 10.60 16.94 -1.38
N VAL A 254 10.92 15.65 -1.50
CA VAL A 254 10.52 14.65 -0.50
C VAL A 254 11.20 14.92 0.84
N ARG A 255 12.50 15.20 0.80
CA ARG A 255 13.29 15.47 2.01
C ARG A 255 12.79 16.68 2.77
N LYS A 256 12.45 17.74 2.04
CA LYS A 256 11.94 18.98 2.62
C LYS A 256 10.56 18.79 3.22
N SER A 257 9.71 18.03 2.53
CA SER A 257 8.34 17.80 2.96
C SER A 257 8.28 16.88 4.17
N LEU A 258 9.24 15.97 4.29
CA LEU A 258 9.34 15.09 5.45
C LEU A 258 9.87 15.86 6.66
N THR A 259 10.88 16.71 6.43
CA THR A 259 11.42 17.58 7.47
C THR A 259 10.32 18.41 8.09
N LYS A 260 9.46 18.94 7.21
CA LYS A 260 8.32 19.75 7.61
C LYS A 260 7.33 18.92 8.41
N GLN A 261 7.12 17.67 7.99
CA GLN A 261 6.16 16.79 8.63
C GLN A 261 6.63 16.17 9.95
N LEU A 262 7.93 15.97 10.07
CA LEU A 262 8.54 15.54 11.33
C LEU A 262 8.39 16.64 12.36
N GLY A 263 8.57 17.88 11.92
CA GLY A 263 8.40 19.07 12.76
C GLY A 263 6.98 19.13 13.31
N ALA A 264 6.01 19.01 12.41
CA ALA A 264 4.59 19.05 12.75
C ALA A 264 4.19 17.93 13.72
N ASN A 265 4.94 16.84 13.71
CA ASN A 265 4.67 15.70 14.59
C ASN A 265 5.46 15.77 15.90
N GLY A 266 6.21 16.85 16.10
CA GLY A 266 6.89 17.10 17.37
C GLY A 266 8.39 16.92 17.41
N ILE A 267 8.98 16.40 16.33
CA ILE A 267 10.43 16.22 16.26
C ILE A 267 11.10 17.53 15.86
N ARG A 268 11.97 18.02 16.72
CA ARG A 268 12.72 19.23 16.43
C ARG A 268 13.96 18.90 15.60
N VAL A 269 13.93 19.27 14.32
CA VAL A 269 15.03 19.00 13.40
C VAL A 269 16.05 20.13 13.44
N ARG A 270 17.31 19.78 13.72
CA ARG A 270 18.39 20.75 13.75
C ARG A 270 19.46 20.46 12.70
N THR A 271 19.88 21.52 12.03
CA THR A 271 20.66 21.45 10.80
C THR A 271 22.00 22.17 10.98
N ASN A 272 23.03 21.69 10.26
CA ASN A 272 24.39 22.23 10.36
C ASN A 272 24.88 22.26 11.80
N LEU A 273 24.65 21.16 12.50
CA LEU A 273 24.94 21.07 13.92
C LEU A 273 25.63 19.75 14.22
N ASN A 274 26.49 19.76 15.23
CA ASN A 274 27.35 18.63 15.53
C ASN A 274 27.77 18.66 16.99
N PRO A 275 27.63 17.53 17.70
CA PRO A 275 28.19 17.46 19.05
C PRO A 275 29.71 17.64 19.04
N THR A 276 30.21 18.42 20.00
CA THR A 276 31.65 18.68 20.13
C THR A 276 32.25 17.79 21.21
N LYS A 277 31.55 17.70 22.35
CA LYS A 277 31.91 16.77 23.41
C LYS A 277 30.70 16.43 24.30
N ILE A 278 30.76 15.26 24.94
CA ILE A 278 29.72 14.83 25.86
C ILE A 278 30.32 14.48 27.22
N THR A 279 29.72 15.02 28.29
CA THR A 279 30.15 14.73 29.66
C THR A 279 28.94 14.23 30.45
N LYS A 280 29.16 13.18 31.25
CA LYS A 280 28.06 12.55 31.97
C LYS A 280 27.74 13.25 33.29
N ASN A 281 26.55 13.85 33.35
CA ASN A 281 26.02 14.43 34.59
C ASN A 281 25.87 13.36 35.66
N GLU A 282 26.12 13.75 36.91
CA GLU A 282 26.20 12.81 38.02
C GLU A 282 24.84 12.21 38.42
N ASP A 283 23.77 12.66 37.78
CA ASP A 283 22.44 12.10 37.99
C ASP A 283 22.10 11.00 36.97
N GLY A 284 22.95 10.85 35.96
CA GLY A 284 22.76 9.81 34.94
C GLY A 284 22.71 10.35 33.52
N SER A 285 22.07 11.50 33.33
CA SER A 285 21.89 12.11 32.02
C SER A 285 23.20 12.54 31.37
N ASN A 286 23.11 13.07 30.15
CA ASN A 286 24.30 13.46 29.39
C ASN A 286 24.28 14.93 28.98
N HIS A 287 25.36 15.64 29.31
CA HIS A 287 25.51 17.02 28.91
C HIS A 287 26.22 17.05 27.56
N VAL A 288 25.59 17.69 26.57
CA VAL A 288 26.13 17.74 25.21
C VAL A 288 26.47 19.16 24.79
N HIS A 289 27.72 19.36 24.37
CA HIS A 289 28.18 20.63 23.81
C HIS A 289 28.08 20.56 22.29
N PHE A 290 27.55 21.62 21.70
CA PHE A 290 27.27 21.64 20.26
C PHE A 290 28.24 22.47 19.42
N ASN A 291 28.13 22.29 18.11
CA ASN A 291 28.90 23.00 17.10
C ASN A 291 28.78 24.52 17.20
N ASP A 292 27.57 25.01 17.43
CA ASP A 292 27.31 26.45 17.50
C ASP A 292 27.60 27.06 18.88
N GLY A 293 28.02 26.22 19.81
CA GLY A 293 28.39 26.67 21.15
C GLY A 293 27.33 26.42 22.21
N THR A 294 26.15 25.95 21.81
CA THR A 294 25.05 25.66 22.74
C THR A 294 25.33 24.40 23.58
N GLU A 295 24.64 24.31 24.72
CA GLU A 295 24.77 23.18 25.62
C GLU A 295 23.40 22.70 26.05
N GLU A 296 23.18 21.38 26.04
CA GLU A 296 21.89 20.83 26.43
C GLU A 296 22.03 19.47 27.11
N ASP A 297 21.04 19.13 27.92
CA ASP A 297 21.00 17.86 28.61
C ASP A 297 20.06 16.88 27.93
N TYR A 298 20.57 15.67 27.68
CA TYR A 298 19.78 14.60 27.09
C TYR A 298 19.90 13.32 27.90
N ASP A 299 18.77 12.67 28.16
CA ASP A 299 18.73 11.39 28.86
C ASP A 299 19.45 10.30 28.08
N GLN A 300 19.42 10.40 26.75
CA GLN A 300 20.11 9.45 25.88
C GLN A 300 20.52 10.12 24.56
N VAL A 301 21.66 9.70 24.02
CA VAL A 301 22.19 10.26 22.78
C VAL A 301 22.57 9.13 21.81
N MET A 302 21.85 9.06 20.70
CA MET A 302 22.06 8.00 19.71
C MET A 302 22.81 8.50 18.48
N LEU A 303 23.84 7.75 18.09
CA LEU A 303 24.62 8.05 16.91
C LEU A 303 24.20 7.15 15.75
N ALA A 304 23.68 7.78 14.70
CA ALA A 304 23.35 7.07 13.46
C ALA A 304 24.03 7.79 12.31
N ILE A 305 25.36 7.72 12.29
CA ILE A 305 26.18 8.54 11.39
C ILE A 305 26.95 7.75 10.31
N GLY A 306 26.75 6.44 10.26
CA GLY A 306 27.38 5.61 9.24
C GLY A 306 27.59 4.17 9.66
N ARG A 307 27.56 3.27 8.67
CA ARG A 307 27.82 1.85 8.91
C ARG A 307 28.92 1.32 7.99
N VAL A 308 30.07 1.00 8.58
CA VAL A 308 31.22 0.47 7.83
C VAL A 308 31.22 -1.06 7.81
N PRO A 309 31.66 -1.65 6.68
CA PRO A 309 31.78 -3.11 6.54
C PRO A 309 32.61 -3.73 7.66
N ARG A 310 32.14 -4.87 8.16
CA ARG A 310 32.77 -5.56 9.29
C ARG A 310 33.79 -6.58 8.77
N SER A 311 35.01 -6.10 8.52
CA SER A 311 36.04 -6.93 7.88
C SER A 311 37.41 -6.79 8.55
N GLN A 312 37.51 -5.82 9.45
CA GLN A 312 38.77 -5.52 10.14
C GLN A 312 39.30 -6.69 10.99
N ALA A 313 38.40 -7.53 11.50
CA ALA A 313 38.78 -8.64 12.39
C ALA A 313 38.74 -10.02 11.70
N LEU A 314 38.84 -10.04 10.38
CA LEU A 314 38.71 -11.28 9.61
C LEU A 314 40.03 -11.88 9.16
N GLN A 315 41.13 -11.21 9.47
CA GLN A 315 42.46 -11.60 8.97
C GLN A 315 42.45 -11.82 7.44
N LEU A 316 41.93 -10.81 6.73
CA LEU A 316 41.83 -10.88 5.28
C LEU A 316 43.19 -10.77 4.60
N ASP A 317 44.11 -10.07 5.28
CA ASP A 317 45.51 -9.97 4.88
C ASP A 317 46.15 -11.36 4.70
N LYS A 318 45.98 -12.21 5.70
CA LYS A 318 46.46 -13.61 5.68
C LYS A 318 46.13 -14.33 4.38
N ALA A 319 44.85 -14.31 3.99
CA ALA A 319 44.39 -14.97 2.77
C ALA A 319 44.63 -14.12 1.52
N GLY A 320 44.92 -12.83 1.73
CA GLY A 320 45.18 -11.91 0.63
C GLY A 320 43.94 -11.50 -0.15
N VAL A 321 42.93 -11.00 0.58
CA VAL A 321 41.72 -10.46 -0.03
C VAL A 321 41.77 -8.93 0.03
N ARG A 322 41.65 -8.28 -1.12
CA ARG A 322 41.81 -6.82 -1.21
C ARG A 322 40.62 -6.05 -0.66
N THR A 323 40.92 -5.14 0.27
CA THR A 323 39.91 -4.29 0.91
C THR A 323 40.12 -2.82 0.58
N GLY A 324 39.21 -2.26 -0.22
CA GLY A 324 39.30 -0.86 -0.64
C GLY A 324 38.85 0.13 0.41
N LYS A 325 37.79 0.87 0.10
CA LYS A 325 37.35 1.98 0.94
C LYS A 325 36.60 1.50 2.20
N ASN A 326 37.16 1.85 3.35
CA ASN A 326 36.60 1.52 4.68
C ASN A 326 36.55 0.03 5.00
N GLY A 327 37.41 -0.76 4.36
CA GLY A 327 37.48 -2.20 4.60
C GLY A 327 36.57 -3.02 3.70
N ALA A 328 35.90 -2.38 2.76
CA ALA A 328 34.99 -3.06 1.85
C ALA A 328 35.72 -4.10 1.01
N VAL A 329 35.17 -5.31 0.98
CA VAL A 329 35.73 -6.39 0.17
C VAL A 329 35.42 -6.15 -1.30
N GLN A 330 36.48 -5.98 -2.10
CA GLN A 330 36.35 -5.68 -3.53
C GLN A 330 35.92 -6.91 -4.31
N VAL A 331 34.87 -6.75 -5.10
CA VAL A 331 34.27 -7.87 -5.82
C VAL A 331 33.83 -7.48 -7.22
N ASP A 332 33.83 -8.43 -8.14
CA ASP A 332 33.28 -8.20 -9.47
C ASP A 332 31.76 -8.46 -9.48
N ALA A 333 31.14 -8.33 -10.65
CA ALA A 333 29.70 -8.47 -10.80
C ALA A 333 29.16 -9.84 -10.35
N TYR A 334 30.05 -10.77 -10.04
CA TYR A 334 29.66 -12.10 -9.58
C TYR A 334 30.10 -12.35 -8.14
N SER A 335 30.51 -11.28 -7.46
CA SER A 335 30.89 -11.30 -6.05
C SER A 335 32.22 -12.00 -5.75
N LYS A 336 32.98 -12.31 -6.80
CA LYS A 336 34.29 -12.95 -6.68
C LYS A 336 35.31 -11.95 -6.13
N THR A 337 36.14 -12.41 -5.20
CA THR A 337 37.16 -11.55 -4.58
C THR A 337 38.47 -11.60 -5.36
N SER A 338 39.52 -11.01 -4.79
CA SER A 338 40.87 -11.10 -5.35
C SER A 338 41.42 -12.53 -5.36
N VAL A 339 40.89 -13.38 -4.48
CA VAL A 339 41.19 -14.82 -4.47
C VAL A 339 40.04 -15.58 -5.14
N ASP A 340 40.38 -16.47 -6.07
CA ASP A 340 39.43 -17.09 -7.00
C ASP A 340 38.29 -17.91 -6.38
N ASN A 341 38.54 -18.50 -5.22
CA ASN A 341 37.55 -19.37 -4.57
C ASN A 341 36.86 -18.72 -3.37
N ILE A 342 37.27 -17.49 -3.05
CA ILE A 342 36.64 -16.71 -1.98
C ILE A 342 35.66 -15.70 -2.58
N TYR A 343 34.51 -15.56 -1.94
CA TYR A 343 33.45 -14.64 -2.37
C TYR A 343 32.96 -13.76 -1.22
N ALA A 344 32.30 -12.66 -1.55
CA ALA A 344 31.73 -11.75 -0.55
C ALA A 344 30.43 -11.12 -1.03
N ILE A 345 29.44 -11.05 -0.14
CA ILE A 345 28.14 -10.48 -0.46
C ILE A 345 27.62 -9.56 0.66
N GLY A 346 26.63 -8.72 0.32
CA GLY A 346 25.97 -7.87 1.28
C GLY A 346 26.80 -6.70 1.78
N ASP A 347 26.43 -6.19 2.95
CA ASP A 347 27.00 -4.96 3.51
C ASP A 347 28.52 -4.91 3.60
N VAL A 348 29.16 -6.07 3.62
CA VAL A 348 30.62 -6.14 3.68
C VAL A 348 31.26 -5.65 2.36
N THR A 349 30.54 -5.78 1.26
CA THR A 349 31.01 -5.30 -0.04
C THR A 349 30.80 -3.80 -0.23
N ASN A 350 29.96 -3.20 0.61
CA ASN A 350 29.68 -1.76 0.61
C ASN A 350 29.08 -1.25 -0.70
N ARG A 351 28.11 -1.99 -1.23
CA ARG A 351 27.33 -1.52 -2.38
C ARG A 351 26.01 -0.94 -1.86
N VAL A 352 24.89 -1.51 -2.28
CA VAL A 352 23.59 -1.10 -1.75
C VAL A 352 23.28 -1.97 -0.52
N MET A 353 23.31 -1.33 0.65
CA MET A 353 23.20 -2.05 1.93
C MET A 353 21.76 -2.37 2.35
N LEU A 354 21.13 -3.26 1.59
CA LEU A 354 19.75 -3.67 1.84
C LEU A 354 19.67 -5.17 1.93
N THR A 355 18.75 -5.65 2.77
CA THR A 355 18.53 -7.08 2.98
C THR A 355 18.22 -7.87 1.70
N PRO A 356 17.21 -7.46 0.91
CA PRO A 356 16.87 -8.23 -0.29
C PRO A 356 17.96 -8.20 -1.35
N VAL A 357 18.80 -7.17 -1.32
CA VAL A 357 19.98 -7.07 -2.18
C VAL A 357 20.99 -8.16 -1.80
N ALA A 358 21.36 -8.22 -0.53
CA ALA A 358 22.23 -9.27 0.00
C ALA A 358 21.68 -10.66 -0.29
N ILE A 359 20.38 -10.85 -0.05
CA ILE A 359 19.68 -12.09 -0.37
C ILE A 359 19.83 -12.44 -1.85
N ASN A 360 19.60 -11.46 -2.72
CA ASN A 360 19.75 -11.66 -4.16
C ASN A 360 21.18 -12.01 -4.56
N GLU A 361 22.15 -11.25 -4.03
CA GLU A 361 23.57 -11.50 -4.28
C GLU A 361 23.96 -12.92 -3.86
N GLY A 362 23.44 -13.35 -2.72
CA GLY A 362 23.68 -14.70 -2.22
C GLY A 362 23.06 -15.76 -3.11
N ALA A 363 21.85 -15.48 -3.58
CA ALA A 363 21.14 -16.39 -4.49
C ALA A 363 21.90 -16.54 -5.80
N ALA A 364 22.41 -15.41 -6.32
CA ALA A 364 23.16 -15.38 -7.57
C ALA A 364 24.46 -16.18 -7.46
N PHE A 365 25.17 -15.98 -6.36
CA PHE A 365 26.40 -16.71 -6.01
C PHE A 365 26.24 -18.23 -6.11
N VAL A 366 25.16 -18.75 -5.51
CA VAL A 366 24.91 -20.19 -5.53
C VAL A 366 24.61 -20.67 -6.95
N GLU A 367 23.72 -19.95 -7.64
CA GLU A 367 23.36 -20.26 -9.04
C GLU A 367 24.60 -20.30 -9.94
N THR A 368 25.50 -19.34 -9.73
CA THR A 368 26.75 -19.27 -10.49
C THR A 368 27.67 -20.46 -10.20
N VAL A 369 28.12 -20.57 -8.96
CA VAL A 369 29.17 -21.52 -8.58
C VAL A 369 28.71 -22.97 -8.51
N PHE A 370 27.56 -23.21 -7.86
CA PHE A 370 27.08 -24.58 -7.65
C PHE A 370 26.00 -25.02 -8.64
N GLY A 371 25.29 -24.05 -9.21
CA GLY A 371 24.25 -24.33 -10.18
C GLY A 371 24.76 -24.36 -11.62
N GLY A 372 25.97 -23.84 -11.82
CA GLY A 372 26.61 -23.80 -13.13
C GLY A 372 25.96 -22.84 -14.11
N LYS A 373 25.09 -21.97 -13.60
CA LYS A 373 24.37 -21.01 -14.42
C LYS A 373 24.61 -19.59 -13.89
N PRO A 374 25.72 -18.96 -14.31
CA PRO A 374 26.15 -17.66 -13.79
C PRO A 374 25.07 -16.59 -13.86
N ARG A 375 25.07 -15.71 -12.87
CA ARG A 375 24.16 -14.57 -12.82
C ARG A 375 24.76 -13.43 -12.00
N ALA A 376 24.60 -12.20 -12.51
CA ALA A 376 25.02 -11.01 -11.78
C ALA A 376 23.80 -10.31 -11.17
N THR A 377 23.97 -9.77 -9.97
CA THR A 377 22.88 -9.06 -9.30
C THR A 377 22.68 -7.68 -9.91
N ASP A 378 21.44 -7.38 -10.27
CA ASP A 378 21.07 -6.09 -10.83
C ASP A 378 20.91 -5.05 -9.72
N HIS A 379 21.84 -4.10 -9.66
CA HIS A 379 21.86 -3.10 -8.60
C HIS A 379 21.12 -1.81 -8.94
N THR A 380 20.68 -1.69 -10.18
CA THR A 380 19.96 -0.50 -10.64
C THR A 380 18.46 -0.75 -10.58
N LYS A 381 17.70 0.32 -10.40
CA LYS A 381 16.23 0.27 -10.29
C LYS A 381 15.75 -0.63 -9.15
N VAL A 382 16.52 -0.65 -8.06
CA VAL A 382 16.15 -1.36 -6.84
C VAL A 382 15.28 -0.44 -5.99
N ALA A 383 14.09 -0.91 -5.64
CA ALA A 383 13.18 -0.14 -4.81
C ALA A 383 13.53 -0.31 -3.33
N CYS A 384 13.42 0.77 -2.57
CA CYS A 384 13.63 0.73 -1.12
C CYS A 384 12.64 1.63 -0.39
N ALA A 385 12.61 1.52 0.93
CA ALA A 385 11.71 2.34 1.74
C ALA A 385 12.40 2.93 2.97
N VAL A 386 11.88 4.06 3.45
CA VAL A 386 12.28 4.59 4.75
C VAL A 386 11.04 4.57 5.64
N PHE A 387 11.12 3.84 6.74
CA PHE A 387 9.96 3.69 7.61
C PHE A 387 9.87 4.79 8.67
N SER A 388 10.01 6.02 8.19
CA SER A 388 9.72 7.20 8.96
C SER A 388 8.21 7.35 9.09
N ILE A 389 7.77 8.37 9.83
CA ILE A 389 6.36 8.68 9.95
C ILE A 389 6.16 10.12 9.49
N PRO A 390 5.60 10.32 8.27
CA PRO A 390 5.12 9.31 7.31
C PRO A 390 6.26 8.63 6.55
N PRO A 391 6.02 7.43 5.99
CA PRO A 391 7.07 6.67 5.31
C PRO A 391 7.42 7.15 3.89
N ILE A 392 8.62 6.80 3.44
CA ILE A 392 9.07 7.08 2.08
C ILE A 392 9.13 5.79 1.26
N GLY A 393 8.63 5.87 0.02
CA GLY A 393 8.79 4.80 -0.96
C GLY A 393 9.50 5.34 -2.17
N THR A 394 10.66 4.78 -2.48
CA THR A 394 11.49 5.29 -3.58
C THR A 394 12.11 4.20 -4.45
N CYS A 395 12.18 4.48 -5.76
CA CYS A 395 12.80 3.58 -6.73
C CYS A 395 13.31 4.36 -7.94
N GLY A 396 14.61 4.31 -8.18
CA GLY A 396 15.21 4.95 -9.34
C GLY A 396 16.07 6.15 -9.03
N MET A 397 16.17 7.05 -10.02
CA MET A 397 17.06 8.21 -9.95
C MET A 397 16.41 9.47 -9.41
N THR A 398 17.18 10.25 -8.65
CA THR A 398 16.75 11.60 -8.29
C THR A 398 16.93 12.48 -9.51
N GLU A 399 16.13 13.53 -9.62
CA GLU A 399 16.21 14.47 -10.75
C GLU A 399 17.62 15.01 -10.95
N GLU A 400 18.30 15.34 -9.85
CA GLU A 400 19.67 15.87 -9.89
C GLU A 400 20.63 14.94 -10.62
N GLU A 401 20.51 13.64 -10.35
CA GLU A 401 21.35 12.64 -11.00
C GLU A 401 20.93 12.41 -12.45
N ALA A 402 19.65 12.17 -12.66
CA ALA A 402 19.08 11.97 -14.00
C ALA A 402 19.45 13.11 -14.95
N ALA A 403 19.46 14.33 -14.43
CA ALA A 403 19.79 15.53 -15.22
C ALA A 403 21.24 15.54 -15.71
N LYS A 404 22.12 14.88 -14.96
CA LYS A 404 23.54 14.81 -15.30
C LYS A 404 23.83 13.72 -16.33
N ASN A 405 22.98 12.71 -16.41
CA ASN A 405 23.23 11.54 -17.25
C ASN A 405 22.34 11.44 -18.49
N TYR A 406 21.41 12.38 -18.64
CA TYR A 406 20.46 12.32 -19.75
C TYR A 406 20.29 13.66 -20.47
N GLU A 407 20.03 13.56 -21.77
CA GLU A 407 19.85 14.72 -22.65
C GLU A 407 18.68 15.59 -22.17
N THR A 408 17.48 15.02 -22.18
CA THR A 408 16.27 15.73 -21.76
C THR A 408 15.50 14.95 -20.71
N VAL A 409 15.23 15.63 -19.58
CA VAL A 409 14.58 15.02 -18.42
C VAL A 409 13.30 15.79 -18.08
N ALA A 410 12.19 15.06 -17.94
CA ALA A 410 10.92 15.65 -17.53
C ALA A 410 10.59 15.30 -16.08
N VAL A 411 10.22 16.31 -15.30
CA VAL A 411 9.85 16.12 -13.91
C VAL A 411 8.34 16.26 -13.72
N TYR A 412 7.71 15.20 -13.22
CA TYR A 412 6.30 15.21 -12.88
C TYR A 412 6.17 15.27 -11.35
N ALA A 413 5.24 16.08 -10.88
CA ALA A 413 5.04 16.27 -9.45
C ALA A 413 3.56 16.43 -9.13
N SER A 414 3.14 15.79 -8.05
CA SER A 414 1.78 15.94 -7.54
C SER A 414 1.73 15.76 -6.03
N SER A 415 1.25 16.80 -5.34
CA SER A 415 0.98 16.74 -3.92
C SER A 415 -0.53 16.81 -3.69
N PHE A 416 -1.00 16.05 -2.70
CA PHE A 416 -2.41 16.08 -2.32
C PHE A 416 -2.59 15.61 -0.88
N THR A 417 -3.64 16.08 -0.23
CA THR A 417 -3.99 15.65 1.12
C THR A 417 -5.22 14.76 1.07
N PRO A 418 -5.06 13.46 1.42
CA PRO A 418 -6.19 12.54 1.45
C PRO A 418 -7.35 13.13 2.25
N LEU A 419 -8.58 12.89 1.79
CA LEU A 419 -9.76 13.53 2.38
C LEU A 419 -9.96 13.19 3.84
N MET A 420 -9.57 11.98 4.23
CA MET A 420 -9.70 11.53 5.61
C MET A 420 -9.03 12.44 6.64
N HIS A 421 -8.03 13.21 6.20
CA HIS A 421 -7.29 14.10 7.09
C HIS A 421 -7.96 15.44 7.34
N ASN A 422 -9.10 15.67 6.68
CA ASN A 422 -9.99 16.77 7.03
C ASN A 422 -10.67 16.41 8.34
N ILE A 423 -11.06 15.14 8.44
CA ILE A 423 -11.70 14.60 9.62
C ILE A 423 -10.67 14.28 10.72
N SER A 424 -9.56 13.63 10.34
CA SER A 424 -8.58 13.16 11.31
C SER A 424 -7.86 14.28 12.05
N GLY A 425 -7.72 15.43 11.39
CA GLY A 425 -7.03 16.57 11.98
C GLY A 425 -5.60 16.72 11.50
N SER A 426 -5.02 15.61 11.00
CA SER A 426 -3.64 15.60 10.53
C SER A 426 -3.50 16.24 9.14
N LYS A 427 -3.81 17.53 9.05
CA LYS A 427 -3.80 18.27 7.78
C LYS A 427 -2.40 18.46 7.20
N HIS A 428 -1.38 18.17 8.01
CA HIS A 428 0.01 18.25 7.57
C HIS A 428 0.42 17.04 6.73
N LYS A 429 -0.39 15.99 6.76
CA LYS A 429 -0.05 14.73 6.10
C LYS A 429 -0.37 14.70 4.59
N GLU A 430 0.42 15.46 3.84
CA GLU A 430 0.38 15.45 2.38
C GLU A 430 1.00 14.19 1.81
N PHE A 431 0.32 13.57 0.86
CA PHE A 431 0.93 12.53 0.05
C PHE A 431 1.62 13.21 -1.14
N MET A 432 2.85 12.79 -1.43
CA MET A 432 3.63 13.37 -2.52
C MET A 432 4.12 12.30 -3.48
N ILE A 433 3.90 12.52 -4.78
CA ILE A 433 4.47 11.67 -5.82
C ILE A 433 5.30 12.54 -6.76
N ARG A 434 6.50 12.07 -7.08
CA ARG A 434 7.35 12.73 -8.06
C ARG A 434 7.93 11.68 -9.01
N ILE A 435 7.55 11.77 -10.28
CA ILE A 435 8.06 10.87 -11.32
C ILE A 435 9.12 11.57 -12.17
N ILE A 436 10.26 10.92 -12.32
CA ILE A 436 11.36 11.42 -13.14
C ILE A 436 11.48 10.57 -14.41
N THR A 437 11.39 11.21 -15.57
CA THR A 437 11.48 10.49 -16.85
C THR A 437 12.56 11.04 -17.78
N ASN A 438 13.05 10.16 -18.66
CA ASN A 438 13.78 10.59 -19.85
C ASN A 438 12.77 11.07 -20.89
N GLU A 439 12.81 12.38 -21.18
CA GLU A 439 11.87 13.03 -22.09
C GLU A 439 11.91 12.47 -23.51
N SER A 440 13.11 12.09 -23.96
CA SER A 440 13.35 11.51 -25.27
C SER A 440 12.33 10.41 -25.63
N ASN A 441 12.24 9.37 -24.81
CA ASN A 441 11.38 8.23 -25.11
C ASN A 441 10.27 7.93 -24.09
N GLY A 442 10.23 8.72 -23.01
CA GLY A 442 9.18 8.58 -21.99
C GLY A 442 9.47 7.59 -20.86
N GLU A 443 10.63 6.96 -20.90
CA GLU A 443 11.01 5.94 -19.92
C GLU A 443 11.09 6.54 -18.52
N VAL A 444 10.47 5.85 -17.56
CA VAL A 444 10.48 6.28 -16.16
C VAL A 444 11.81 5.94 -15.47
N LEU A 445 12.54 6.97 -15.08
CA LEU A 445 13.88 6.83 -14.50
C LEU A 445 13.88 6.81 -12.96
N GLY A 446 12.87 7.45 -12.37
CA GLY A 446 12.71 7.47 -10.91
C GLY A 446 11.27 7.69 -10.47
N VAL A 447 10.90 7.04 -9.36
CA VAL A 447 9.63 7.30 -8.70
C VAL A 447 9.89 7.54 -7.21
N HIS A 448 9.40 8.68 -6.70
CA HIS A 448 9.63 9.07 -5.31
C HIS A 448 8.33 9.45 -4.62
N MET A 449 8.00 8.73 -3.56
CA MET A 449 6.74 8.93 -2.86
C MET A 449 6.92 9.18 -1.37
N LEU A 450 6.16 10.13 -0.84
CA LEU A 450 6.06 10.37 0.59
C LEU A 450 4.62 10.23 1.04
N GLY A 451 4.40 9.48 2.12
CA GLY A 451 3.07 9.32 2.68
C GLY A 451 2.76 7.89 3.06
N ASP A 452 1.63 7.68 3.73
CA ASP A 452 1.25 6.35 4.17
C ASP A 452 1.05 5.39 3.00
N SER A 453 1.46 4.15 3.22
CA SER A 453 1.41 3.08 2.21
C SER A 453 2.48 3.19 1.12
N ALA A 454 3.34 4.20 1.21
CA ALA A 454 4.43 4.40 0.23
C ALA A 454 5.38 3.19 0.06
N PRO A 455 5.80 2.54 1.17
CA PRO A 455 6.63 1.34 1.03
C PRO A 455 5.90 0.22 0.31
N GLU A 456 4.59 0.12 0.50
CA GLU A 456 3.80 -0.94 -0.10
C GLU A 456 3.58 -0.69 -1.59
N ILE A 457 3.29 0.56 -1.95
CA ILE A 457 3.03 0.93 -3.34
C ILE A 457 4.30 0.78 -4.20
N ILE A 458 5.42 1.29 -3.70
CA ILE A 458 6.67 1.31 -4.47
C ILE A 458 7.15 -0.07 -4.93
N GLN A 459 6.78 -1.12 -4.20
CA GLN A 459 7.19 -2.47 -4.55
C GLN A 459 6.72 -2.87 -5.95
N SER A 460 5.44 -2.69 -6.21
CA SER A 460 4.87 -2.98 -7.52
C SER A 460 5.28 -1.94 -8.56
N VAL A 461 5.71 -0.76 -8.12
CA VAL A 461 6.33 0.21 -9.02
C VAL A 461 7.67 -0.34 -9.53
N GLY A 462 8.44 -0.94 -8.63
CA GLY A 462 9.75 -1.51 -8.96
C GLY A 462 9.69 -2.61 -10.00
N ILE A 463 8.58 -3.34 -10.05
CA ILE A 463 8.36 -4.34 -11.09
C ILE A 463 8.23 -3.66 -12.45
N CYS A 464 7.41 -2.59 -12.49
CA CYS A 464 7.22 -1.78 -13.69
C CYS A 464 8.53 -1.25 -14.23
N MET A 465 9.31 -0.61 -13.36
CA MET A 465 10.56 0.01 -13.78
C MET A 465 11.59 -1.02 -14.24
N LYS A 466 11.55 -2.21 -13.64
CA LYS A 466 12.35 -3.36 -14.09
C LYS A 466 12.01 -3.71 -15.54
N MET A 467 10.71 -3.67 -15.87
CA MET A 467 10.23 -3.94 -17.22
C MET A 467 10.44 -2.76 -18.16
N GLY A 468 11.14 -1.73 -17.69
CA GLY A 468 11.40 -0.52 -18.48
C GLY A 468 10.15 0.26 -18.83
N ALA A 469 9.34 0.57 -17.81
CA ALA A 469 8.06 1.27 -18.00
C ALA A 469 8.23 2.72 -18.44
N LYS A 470 7.28 3.20 -19.23
CA LYS A 470 7.24 4.58 -19.69
C LYS A 470 6.09 5.32 -19.02
N ILE A 471 6.20 6.65 -18.96
CA ILE A 471 5.16 7.48 -18.36
C ILE A 471 3.78 7.25 -19.00
N SER A 472 3.78 6.88 -20.28
CA SER A 472 2.54 6.54 -20.98
C SER A 472 1.90 5.25 -20.44
N ASP A 473 2.71 4.38 -19.85
CA ASP A 473 2.20 3.14 -19.24
C ASP A 473 1.42 3.44 -17.96
N PHE A 474 1.79 4.53 -17.30
CA PHE A 474 1.18 4.92 -16.06
C PHE A 474 -0.21 5.52 -16.29
N HIS A 475 -0.28 6.62 -17.04
CA HIS A 475 -1.56 7.29 -17.25
C HIS A 475 -2.52 6.61 -18.22
N SER A 476 -2.10 5.49 -18.81
CA SER A 476 -3.01 4.69 -19.63
C SER A 476 -3.74 3.65 -18.79
N THR A 477 -3.23 3.41 -17.58
CA THR A 477 -3.80 2.44 -16.66
C THR A 477 -4.98 3.05 -15.92
N ILE A 478 -6.12 2.36 -15.93
CA ILE A 478 -7.31 2.80 -15.21
C ILE A 478 -7.08 2.67 -13.69
N GLY A 479 -7.40 3.74 -12.97
CA GLY A 479 -7.13 3.83 -11.54
C GLY A 479 -8.02 3.01 -10.63
N VAL A 480 -7.58 2.86 -9.38
CA VAL A 480 -8.34 2.21 -8.32
C VAL A 480 -8.78 3.30 -7.34
N HIS A 481 -10.09 3.42 -7.14
CA HIS A 481 -10.64 4.56 -6.43
C HIS A 481 -11.50 4.13 -5.24
N PRO A 482 -11.33 4.80 -4.08
CA PRO A 482 -10.31 5.82 -3.79
C PRO A 482 -9.06 5.25 -3.11
N THR A 483 -7.90 5.52 -3.70
CA THR A 483 -6.61 5.16 -3.12
C THR A 483 -5.63 6.32 -3.27
N SER A 484 -4.48 6.21 -2.60
CA SER A 484 -3.41 7.18 -2.77
C SER A 484 -2.61 6.85 -4.04
N ALA A 485 -2.49 5.55 -4.32
CA ALA A 485 -1.70 5.06 -5.44
C ALA A 485 -2.26 5.46 -6.81
N GLU A 486 -3.57 5.72 -6.86
CA GLU A 486 -4.24 6.04 -8.13
C GLU A 486 -3.73 7.32 -8.76
N GLU A 487 -3.05 8.14 -7.96
CA GLU A 487 -2.52 9.41 -8.44
C GLU A 487 -1.29 9.24 -9.35
N LEU A 488 -0.71 8.04 -9.35
CA LEU A 488 0.37 7.69 -10.29
C LEU A 488 -0.13 7.74 -11.74
N CYS A 489 -1.40 7.39 -11.93
CA CYS A 489 -2.00 7.30 -13.25
C CYS A 489 -2.60 8.62 -13.73
N SER A 490 -2.51 9.66 -12.91
CA SER A 490 -3.11 10.95 -13.25
C SER A 490 -2.09 12.07 -13.38
N MET A 491 -0.90 11.72 -13.83
CA MET A 491 0.17 12.70 -14.02
C MET A 491 0.62 12.72 -15.48
N ARG A 492 0.05 13.66 -16.25
CA ARG A 492 0.28 13.76 -17.69
C ARG A 492 1.19 14.94 -18.06
N THR A 493 0.89 16.11 -17.52
CA THR A 493 1.67 17.30 -17.78
C THR A 493 2.89 17.31 -16.85
N PRO A 494 4.09 17.40 -17.43
CA PRO A 494 5.29 17.59 -16.60
C PRO A 494 5.25 18.91 -15.85
N ALA A 495 5.80 18.94 -14.64
CA ALA A 495 5.86 20.15 -13.84
C ALA A 495 6.91 21.12 -14.40
N TYR A 496 8.06 20.59 -14.78
CA TYR A 496 9.13 21.34 -15.45
C TYR A 496 10.09 20.37 -16.14
N PHE A 497 11.26 20.85 -16.56
CA PHE A 497 12.20 20.05 -17.36
C PHE A 497 13.67 20.26 -16.98
N TYR A 498 14.51 19.34 -17.46
CA TYR A 498 15.96 19.50 -17.43
C TYR A 498 16.51 19.30 -18.84
N GLU A 499 17.01 20.38 -19.43
CA GLU A 499 17.59 20.33 -20.77
C GLU A 499 19.12 20.33 -20.67
N SER A 500 19.69 19.15 -20.91
CA SER A 500 21.13 18.89 -20.75
C SER A 500 21.75 19.54 -19.51
N GLY A 501 21.22 19.20 -18.33
CA GLY A 501 21.82 19.59 -17.06
C GLY A 501 21.23 20.79 -16.35
N LYS A 502 20.40 21.57 -17.05
CA LYS A 502 19.84 22.78 -16.44
C LYS A 502 18.31 22.87 -16.43
N ARG A 503 17.79 23.43 -15.34
CA ARG A 503 16.35 23.51 -15.11
C ARG A 503 15.69 24.54 -16.02
N VAL A 504 14.78 24.06 -16.87
CA VAL A 504 13.99 24.95 -17.72
C VAL A 504 12.50 24.75 -17.49
N GLU A 505 11.72 25.81 -17.62
CA GLU A 505 10.27 25.76 -17.37
C GLU A 505 9.55 25.04 -18.50
N LYS A 506 9.69 25.56 -19.71
CA LYS A 506 9.22 24.86 -20.92
C LYS A 506 10.40 24.46 -21.79
N LEU A 507 10.12 23.70 -22.85
CA LEU A 507 11.17 23.08 -23.65
C LEU A 507 11.29 23.71 -25.03
N SER A 508 12.46 24.28 -25.33
CA SER A 508 12.72 24.94 -26.60
C SER A 508 13.69 24.13 -27.46
N SER A 509 13.41 24.09 -28.76
CA SER A 509 14.30 23.43 -29.73
C SER A 509 14.25 24.13 -31.10
N MET B 21 -22.14 28.32 -35.52
CA MET B 21 -23.12 27.45 -34.80
C MET B 21 -24.59 27.73 -35.17
N SER B 22 -25.40 26.68 -35.09
CA SER B 22 -26.84 26.78 -35.31
C SER B 22 -27.61 26.31 -34.07
N ARG B 23 -26.88 25.82 -33.06
CA ARG B 23 -27.48 25.20 -31.90
C ARG B 23 -27.06 25.90 -30.60
N ALA B 24 -27.90 25.82 -29.58
CA ALA B 24 -27.62 26.43 -28.28
C ALA B 24 -26.41 25.80 -27.57
N TYR B 25 -26.33 24.48 -27.62
CA TYR B 25 -25.23 23.73 -27.00
C TYR B 25 -24.62 22.69 -27.92
N ASP B 26 -23.32 22.47 -27.77
CA ASP B 26 -22.63 21.36 -28.43
C ASP B 26 -22.96 20.05 -27.72
N LEU B 27 -22.93 20.07 -26.39
CA LEU B 27 -23.14 18.89 -25.58
C LEU B 27 -24.10 19.15 -24.43
N VAL B 28 -25.08 18.28 -24.28
CA VAL B 28 -25.88 18.22 -23.07
C VAL B 28 -25.61 16.89 -22.37
N VAL B 29 -25.09 16.98 -21.15
CA VAL B 29 -24.78 15.80 -20.35
C VAL B 29 -25.89 15.54 -19.32
N LEU B 30 -26.52 14.37 -19.44
CA LEU B 30 -27.54 13.93 -18.49
C LEU B 30 -26.90 13.21 -17.31
N GLY B 31 -26.70 13.95 -16.22
CA GLY B 31 -26.03 13.42 -15.04
C GLY B 31 -24.66 14.04 -14.87
N ALA B 32 -24.46 14.72 -13.74
CA ALA B 32 -23.16 15.31 -13.40
C ALA B 32 -22.35 14.36 -12.53
N GLY B 33 -22.22 13.12 -12.98
CA GLY B 33 -21.55 12.08 -12.21
C GLY B 33 -20.05 12.02 -12.45
N SER B 34 -19.46 10.89 -12.07
CA SER B 34 -18.04 10.64 -12.29
C SER B 34 -17.70 10.80 -13.78
N GLY B 35 -18.49 10.15 -14.63
CA GLY B 35 -18.32 10.21 -16.08
C GLY B 35 -18.86 11.49 -16.69
N GLY B 36 -20.04 11.92 -16.23
CA GLY B 36 -20.68 13.14 -16.72
C GLY B 36 -19.82 14.39 -16.63
N LEU B 37 -19.39 14.73 -15.42
CA LEU B 37 -18.56 15.91 -15.18
C LEU B 37 -17.23 15.87 -15.92
N GLU B 38 -16.61 14.69 -15.93
CA GLU B 38 -15.34 14.48 -16.61
C GLU B 38 -15.47 14.86 -18.08
N ALA B 39 -16.48 14.31 -18.74
CA ALA B 39 -16.73 14.62 -20.14
C ALA B 39 -17.02 16.11 -20.32
N GLY B 40 -18.00 16.60 -19.57
CA GLY B 40 -18.43 18.01 -19.63
C GLY B 40 -17.29 19.00 -19.48
N TRP B 41 -16.44 18.79 -18.48
CA TRP B 41 -15.29 19.64 -18.24
C TRP B 41 -14.32 19.62 -19.42
N ASN B 42 -14.04 18.43 -19.95
CA ASN B 42 -13.08 18.26 -21.04
C ASN B 42 -13.49 18.99 -22.30
N ALA B 43 -14.73 18.76 -22.73
CA ALA B 43 -15.29 19.43 -23.90
C ALA B 43 -15.22 20.95 -23.75
N ALA B 44 -15.48 21.42 -22.54
CA ALA B 44 -15.51 22.86 -22.25
C ALA B 44 -14.13 23.51 -22.25
N VAL B 45 -13.17 22.93 -21.53
CA VAL B 45 -11.86 23.58 -21.37
C VAL B 45 -10.90 23.26 -22.51
N THR B 46 -10.75 21.98 -22.82
CA THR B 46 -9.77 21.53 -23.81
C THR B 46 -10.21 21.75 -25.26
N HIS B 47 -11.52 21.85 -25.49
CA HIS B 47 -12.06 22.01 -26.85
C HIS B 47 -13.02 23.19 -27.00
N LYS B 48 -13.10 24.01 -25.96
CA LYS B 48 -13.90 25.25 -25.96
C LYS B 48 -15.31 25.10 -26.54
N LYS B 49 -16.00 24.03 -26.14
CA LYS B 49 -17.37 23.76 -26.59
C LYS B 49 -18.40 24.28 -25.57
N LYS B 50 -19.62 24.50 -26.04
CA LYS B 50 -20.72 24.91 -25.17
C LYS B 50 -21.37 23.67 -24.58
N VAL B 51 -21.12 23.45 -23.29
CA VAL B 51 -21.59 22.25 -22.59
C VAL B 51 -22.62 22.62 -21.54
N ALA B 52 -23.73 21.88 -21.53
CA ALA B 52 -24.74 22.00 -20.49
C ALA B 52 -24.79 20.70 -19.70
N VAL B 53 -24.78 20.81 -18.37
CA VAL B 53 -24.75 19.62 -17.52
C VAL B 53 -25.96 19.60 -16.59
N VAL B 54 -26.72 18.51 -16.66
CA VAL B 54 -27.98 18.40 -15.92
C VAL B 54 -27.85 17.39 -14.78
N ASP B 55 -28.13 17.84 -13.56
CA ASP B 55 -28.25 16.93 -12.43
C ASP B 55 -29.36 17.37 -11.48
N VAL B 56 -29.79 16.43 -10.65
CA VAL B 56 -31.00 16.55 -9.83
C VAL B 56 -30.91 17.62 -8.74
N GLN B 57 -29.76 17.72 -8.06
CA GLN B 57 -29.54 18.75 -7.04
C GLN B 57 -28.09 19.21 -6.97
N ALA B 58 -27.83 20.22 -6.14
CA ALA B 58 -26.50 20.84 -6.03
C ALA B 58 -25.64 20.27 -4.91
N THR B 59 -26.28 19.88 -3.81
CA THR B 59 -25.58 19.29 -2.68
C THR B 59 -26.20 17.94 -2.29
N HIS B 60 -25.42 17.09 -1.63
CA HIS B 60 -25.84 15.75 -1.25
C HIS B 60 -27.02 15.76 -0.29
N GLY B 61 -27.75 14.66 -0.23
CA GLY B 61 -28.77 14.47 0.80
C GLY B 61 -30.09 13.92 0.31
N PRO B 62 -30.89 13.36 1.24
CA PRO B 62 -32.26 12.93 0.97
C PRO B 62 -33.17 14.12 0.61
N PRO B 63 -34.25 13.89 -0.15
CA PRO B 63 -34.73 12.58 -0.61
C PRO B 63 -34.13 12.11 -1.94
N LEU B 64 -33.21 12.89 -2.49
CA LEU B 64 -32.64 12.59 -3.81
C LEU B 64 -31.27 11.89 -3.75
N PHE B 65 -30.56 12.10 -2.63
CA PHE B 65 -29.27 11.45 -2.33
C PHE B 65 -28.13 11.86 -3.27
N ALA B 66 -28.15 11.36 -4.50
CA ALA B 66 -27.15 11.73 -5.50
C ALA B 66 -27.30 13.19 -5.88
N ALA B 67 -26.18 13.81 -6.24
CA ALA B 67 -26.16 15.24 -6.55
C ALA B 67 -25.03 15.56 -7.50
N LEU B 68 -24.74 16.85 -7.65
CA LEU B 68 -23.59 17.32 -8.42
C LEU B 68 -22.34 16.61 -7.90
N GLY B 69 -21.70 15.85 -8.77
CA GLY B 69 -20.55 15.02 -8.38
C GLY B 69 -20.84 13.54 -8.55
N GLY B 70 -22.13 13.21 -8.59
CA GLY B 70 -22.55 11.83 -8.83
C GLY B 70 -22.58 10.99 -7.58
N THR B 71 -22.86 9.70 -7.77
CA THR B 71 -22.98 8.76 -6.66
C THR B 71 -21.69 8.69 -5.85
N CYS B 72 -20.56 8.50 -6.55
CA CYS B 72 -19.27 8.33 -5.89
C CYS B 72 -18.94 9.42 -4.87
N VAL B 73 -19.16 10.67 -5.24
CA VAL B 73 -18.85 11.80 -4.37
C VAL B 73 -19.86 11.90 -3.23
N ASN B 74 -21.14 11.69 -3.55
CA ASN B 74 -22.22 11.99 -2.62
C ASN B 74 -22.68 10.81 -1.78
N VAL B 75 -22.93 9.67 -2.42
CA VAL B 75 -23.40 8.47 -1.71
C VAL B 75 -22.69 7.18 -2.17
N GLY B 76 -21.37 7.29 -2.41
CA GLY B 76 -20.59 6.17 -2.92
C GLY B 76 -19.18 6.09 -2.35
N CYS B 77 -18.20 5.90 -3.24
CA CYS B 77 -16.80 5.65 -2.88
C CYS B 77 -16.28 6.59 -1.80
N VAL B 78 -16.48 7.90 -2.00
CA VAL B 78 -15.91 8.91 -1.10
C VAL B 78 -16.47 8.80 0.34
N PRO B 79 -17.78 8.99 0.53
CA PRO B 79 -18.30 8.88 1.90
C PRO B 79 -18.12 7.48 2.49
N LYS B 80 -18.32 6.45 1.69
CA LYS B 80 -18.15 5.07 2.16
C LYS B 80 -16.75 4.81 2.71
N LYS B 81 -15.73 5.37 2.07
CA LYS B 81 -14.36 5.11 2.50
C LYS B 81 -14.01 5.84 3.79
N LEU B 82 -14.56 7.04 3.98
CA LEU B 82 -14.37 7.78 5.21
C LEU B 82 -14.94 7.01 6.39
N MET B 83 -16.08 6.35 6.16
CA MET B 83 -16.74 5.57 7.19
C MET B 83 -16.02 4.27 7.48
N VAL B 84 -15.46 3.64 6.45
CA VAL B 84 -14.64 2.45 6.60
C VAL B 84 -13.39 2.80 7.42
N THR B 85 -12.76 3.91 7.05
CA THR B 85 -11.59 4.43 7.78
C THR B 85 -11.93 4.59 9.26
N GLY B 86 -13.11 5.16 9.53
CA GLY B 86 -13.59 5.34 10.88
C GLY B 86 -13.74 4.03 11.62
N ALA B 87 -14.41 3.07 10.98
CA ALA B 87 -14.68 1.76 11.59
C ALA B 87 -13.40 0.95 11.80
N GLN B 88 -12.41 1.24 10.97
CA GLN B 88 -11.11 0.56 11.00
C GLN B 88 -10.39 0.84 12.31
N TYR B 89 -10.71 1.96 12.95
CA TYR B 89 -10.08 2.36 14.21
C TYR B 89 -10.41 1.40 15.35
N MET B 90 -11.55 0.71 15.27
CA MET B 90 -11.92 -0.28 16.27
C MET B 90 -10.82 -1.30 16.43
N ASP B 91 -10.39 -1.87 15.31
CA ASP B 91 -9.32 -2.85 15.28
C ASP B 91 -8.00 -2.22 15.72
N LEU B 92 -7.71 -1.04 15.17
CA LEU B 92 -6.46 -0.34 15.46
C LEU B 92 -6.28 0.03 16.94
N ILE B 93 -7.38 0.39 17.61
CA ILE B 93 -7.33 0.74 19.02
C ILE B 93 -7.09 -0.51 19.87
N ARG B 94 -7.79 -1.58 19.53
CA ARG B 94 -7.59 -2.88 20.17
C ARG B 94 -6.15 -3.38 20.00
N GLU B 95 -5.61 -3.21 18.79
CA GLU B 95 -4.28 -3.71 18.44
C GLU B 95 -3.11 -2.97 19.08
N SER B 96 -3.35 -1.73 19.49
CA SER B 96 -2.29 -0.91 20.07
C SER B 96 -1.88 -1.41 21.46
N GLY B 97 -2.80 -2.10 22.13
CA GLY B 97 -2.57 -2.62 23.48
C GLY B 97 -1.32 -3.44 23.60
N GLY B 98 -1.13 -4.39 22.69
CA GLY B 98 0.06 -5.24 22.64
C GLY B 98 1.35 -4.48 22.50
N PHE B 99 1.29 -3.26 21.96
CA PHE B 99 2.48 -2.44 21.77
C PHE B 99 2.76 -1.49 22.95
N GLY B 100 1.88 -1.53 23.95
CA GLY B 100 2.09 -0.78 25.18
C GLY B 100 1.10 0.35 25.40
N TRP B 101 0.14 0.48 24.49
CA TRP B 101 -0.83 1.57 24.60
C TRP B 101 -1.98 1.17 25.51
N GLU B 102 -1.92 1.64 26.75
CA GLU B 102 -2.90 1.31 27.78
C GLU B 102 -4.00 2.38 27.81
N MET B 103 -5.25 1.92 27.79
CA MET B 103 -6.42 2.80 27.92
C MET B 103 -7.69 1.99 28.18
N ASP B 104 -8.70 2.66 28.72
CA ASP B 104 -9.97 2.02 29.06
C ASP B 104 -10.70 1.51 27.82
N ARG B 105 -10.60 0.20 27.59
CA ARG B 105 -11.19 -0.43 26.40
C ARG B 105 -12.58 -0.99 26.63
N GLU B 106 -12.83 -1.55 27.81
CA GLU B 106 -14.12 -2.16 28.11
C GLU B 106 -15.24 -1.13 28.07
N SER B 107 -16.27 -1.44 27.28
CA SER B 107 -17.42 -0.56 27.02
C SER B 107 -17.04 0.74 26.29
N LEU B 108 -16.22 0.60 25.25
CA LEU B 108 -15.80 1.72 24.40
C LEU B 108 -16.48 1.65 23.04
N CYS B 109 -17.27 2.69 22.74
CA CYS B 109 -17.99 2.78 21.48
C CYS B 109 -17.81 4.15 20.85
N PRO B 110 -17.77 4.20 19.51
CA PRO B 110 -17.57 5.46 18.82
C PRO B 110 -18.87 6.25 18.67
N ASN B 111 -18.73 7.55 18.46
CA ASN B 111 -19.87 8.43 18.25
C ASN B 111 -20.24 8.47 16.77
N TRP B 112 -21.33 7.79 16.43
CA TRP B 112 -21.82 7.74 15.05
C TRP B 112 -22.17 9.12 14.53
N LYS B 113 -22.74 9.95 15.40
CA LYS B 113 -23.21 11.27 15.00
C LYS B 113 -22.07 12.21 14.59
N THR B 114 -20.93 12.13 15.28
CA THR B 114 -19.79 12.97 14.92
C THR B 114 -19.14 12.49 13.61
N LEU B 115 -19.27 11.21 13.32
CA LEU B 115 -18.79 10.64 12.06
C LEU B 115 -19.60 11.16 10.87
N ILE B 116 -20.92 11.05 10.98
CA ILE B 116 -21.84 11.53 9.95
C ILE B 116 -21.67 13.03 9.73
N ALA B 117 -21.45 13.76 10.83
CA ALA B 117 -21.20 15.19 10.77
C ALA B 117 -19.91 15.48 10.01
N ALA B 118 -18.85 14.77 10.39
CA ALA B 118 -17.56 14.86 9.72
C ALA B 118 -17.69 14.56 8.23
N LYS B 119 -18.40 13.48 7.92
CA LYS B 119 -18.62 13.06 6.54
C LYS B 119 -19.36 14.12 5.74
N ASN B 120 -20.49 14.61 6.29
CA ASN B 120 -21.32 15.62 5.63
C ASN B 120 -20.51 16.87 5.32
N LYS B 121 -19.69 17.29 6.27
CA LYS B 121 -18.82 18.44 6.10
C LYS B 121 -17.95 18.28 4.86
N VAL B 122 -17.33 17.11 4.73
CA VAL B 122 -16.44 16.79 3.61
C VAL B 122 -17.19 16.74 2.27
N VAL B 123 -18.24 15.94 2.20
CA VAL B 123 -19.00 15.77 0.96
C VAL B 123 -19.53 17.11 0.47
N ASN B 124 -20.13 17.88 1.37
CA ASN B 124 -20.68 19.20 1.08
C ASN B 124 -19.59 20.16 0.61
N SER B 125 -18.41 20.02 1.17
CA SER B 125 -17.24 20.78 0.77
C SER B 125 -16.86 20.51 -0.69
N ILE B 126 -16.98 19.26 -1.12
CA ILE B 126 -16.74 18.88 -2.52
C ILE B 126 -17.83 19.44 -3.41
N ASN B 127 -19.09 19.37 -2.95
CA ASN B 127 -20.22 19.97 -3.65
C ASN B 127 -20.00 21.44 -3.95
N GLU B 128 -19.47 22.18 -2.98
CA GLU B 128 -19.25 23.61 -3.12
C GLU B 128 -18.09 23.96 -4.04
N SER B 129 -17.07 23.11 -4.09
CA SER B 129 -15.96 23.31 -5.01
C SER B 129 -16.40 23.13 -6.46
N TYR B 130 -17.49 22.38 -6.66
CA TYR B 130 -18.09 22.21 -7.98
C TYR B 130 -18.86 23.45 -8.45
N LYS B 131 -19.56 24.12 -7.53
CA LYS B 131 -20.29 25.34 -7.87
C LYS B 131 -19.35 26.39 -8.46
N SER B 132 -18.23 26.65 -7.77
CA SER B 132 -17.25 27.63 -8.23
C SER B 132 -16.42 27.14 -9.42
N MET B 133 -16.47 25.83 -9.69
CA MET B 133 -15.88 25.29 -10.91
C MET B 133 -16.71 25.73 -12.11
N PHE B 134 -18.03 25.57 -11.99
CA PHE B 134 -18.97 26.00 -13.02
C PHE B 134 -18.93 27.52 -13.22
N ALA B 135 -18.82 28.25 -12.11
CA ALA B 135 -18.76 29.71 -12.16
C ALA B 135 -17.53 30.21 -12.90
N ASP B 136 -16.42 29.48 -12.79
CA ASP B 136 -15.15 29.91 -13.40
C ASP B 136 -14.93 29.37 -14.80
N THR B 137 -15.53 28.22 -15.10
CA THR B 137 -15.37 27.62 -16.42
C THR B 137 -16.35 28.23 -17.41
N GLU B 138 -15.81 28.78 -18.50
CA GLU B 138 -16.63 29.35 -19.57
C GLU B 138 -17.07 28.27 -20.54
N GLY B 139 -18.34 28.32 -20.93
CA GLY B 139 -18.93 27.33 -21.83
C GLY B 139 -19.54 26.16 -21.10
N LEU B 140 -19.32 26.10 -19.79
CA LEU B 140 -19.85 25.04 -18.95
C LEU B 140 -20.89 25.62 -18.00
N SER B 141 -22.10 25.07 -18.07
CA SER B 141 -23.21 25.51 -17.23
C SER B 141 -23.96 24.34 -16.61
N PHE B 142 -24.44 24.54 -15.38
CA PHE B 142 -25.20 23.53 -14.65
C PHE B 142 -26.69 23.84 -14.66
N HIS B 143 -27.50 22.82 -14.92
CA HIS B 143 -28.95 22.97 -15.06
C HIS B 143 -29.67 22.00 -14.13
N MET B 144 -30.17 22.52 -13.01
CA MET B 144 -30.74 21.69 -11.96
C MET B 144 -32.16 21.22 -12.25
N GLY B 145 -32.36 19.90 -12.20
CA GLY B 145 -33.66 19.29 -12.41
C GLY B 145 -33.54 17.91 -13.02
N PHE B 146 -34.68 17.31 -13.35
CA PHE B 146 -34.72 16.01 -13.97
C PHE B 146 -34.75 16.11 -15.47
N GLY B 147 -33.77 15.50 -16.12
CA GLY B 147 -33.67 15.52 -17.57
C GLY B 147 -34.40 14.35 -18.23
N ALA B 148 -34.84 14.58 -19.46
CA ALA B 148 -35.52 13.57 -20.28
C ALA B 148 -35.41 13.99 -21.75
N LEU B 149 -35.51 13.01 -22.65
CA LEU B 149 -35.33 13.28 -24.07
C LEU B 149 -36.64 13.61 -24.79
N GLN B 150 -36.51 14.39 -25.87
CA GLN B 150 -37.64 14.68 -26.76
C GLN B 150 -37.32 14.11 -28.14
N ASP B 151 -36.14 14.45 -28.63
CA ASP B 151 -35.62 13.92 -29.89
C ASP B 151 -34.09 13.93 -29.82
N ALA B 152 -33.45 13.50 -30.89
CA ALA B 152 -31.98 13.40 -30.95
C ALA B 152 -31.23 14.69 -30.62
N HIS B 153 -31.95 15.82 -30.53
CA HIS B 153 -31.31 17.12 -30.33
C HIS B 153 -31.91 17.97 -29.22
N THR B 154 -32.87 17.42 -28.49
CA THR B 154 -33.61 18.18 -27.48
C THR B 154 -33.74 17.47 -26.13
N VAL B 155 -33.17 18.09 -25.11
CA VAL B 155 -33.26 17.60 -23.74
C VAL B 155 -34.09 18.55 -22.90
N VAL B 156 -35.17 18.02 -22.33
CA VAL B 156 -36.06 18.80 -21.48
C VAL B 156 -35.73 18.57 -20.00
N VAL B 157 -35.52 19.65 -19.27
CA VAL B 157 -35.25 19.59 -17.84
C VAL B 157 -36.55 19.89 -17.10
N ARG B 158 -37.11 18.87 -16.46
CA ARG B 158 -38.36 19.00 -15.71
C ARG B 158 -38.15 19.27 -14.24
N LYS B 159 -39.20 19.75 -13.58
CA LYS B 159 -39.15 20.10 -12.17
C LYS B 159 -38.99 18.85 -11.30
N SER B 160 -39.71 17.79 -11.64
CA SER B 160 -39.55 16.51 -10.94
C SER B 160 -39.43 15.32 -11.91
N GLU B 161 -39.29 14.12 -11.35
CA GLU B 161 -39.16 12.89 -12.13
C GLU B 161 -40.46 12.56 -12.88
N ASP B 162 -41.57 13.03 -12.31
CA ASP B 162 -42.91 12.92 -12.91
C ASP B 162 -42.96 13.59 -14.28
N PRO B 163 -43.24 12.80 -15.35
CA PRO B 163 -43.23 13.30 -16.73
C PRO B 163 -44.25 14.42 -17.04
N HIS B 164 -45.09 14.74 -16.06
CA HIS B 164 -46.06 15.82 -16.20
C HIS B 164 -45.67 17.04 -15.33
N SER B 165 -44.41 17.08 -14.89
CA SER B 165 -43.89 18.21 -14.13
C SER B 165 -43.68 19.42 -15.04
N ASP B 166 -43.53 20.59 -14.40
CA ASP B 166 -43.20 21.81 -15.12
C ASP B 166 -41.85 21.67 -15.83
N VAL B 167 -41.83 22.05 -17.11
CA VAL B 167 -40.59 22.11 -17.88
C VAL B 167 -39.82 23.35 -17.44
N LEU B 168 -38.64 23.14 -16.86
CA LEU B 168 -37.81 24.25 -16.38
C LEU B 168 -37.01 24.91 -17.49
N GLU B 169 -36.47 24.10 -18.40
CA GLU B 169 -35.83 24.61 -19.61
C GLU B 169 -35.76 23.55 -20.71
N THR B 170 -35.63 24.02 -21.94
CA THR B 170 -35.51 23.14 -23.10
C THR B 170 -34.15 23.39 -23.74
N LEU B 171 -33.30 22.37 -23.72
CA LEU B 171 -31.93 22.51 -24.21
C LEU B 171 -31.78 21.98 -25.63
N ASP B 172 -31.54 22.89 -26.56
CA ASP B 172 -31.31 22.56 -27.97
C ASP B 172 -29.83 22.26 -28.16
N THR B 173 -29.52 20.99 -28.40
CA THR B 173 -28.12 20.54 -28.42
C THR B 173 -27.72 19.74 -29.66
N GLU B 174 -26.42 19.72 -29.92
CA GLU B 174 -25.84 18.91 -30.99
C GLU B 174 -25.68 17.46 -30.56
N TYR B 175 -25.06 17.25 -29.39
CA TYR B 175 -24.83 15.91 -28.84
C TYR B 175 -25.48 15.73 -27.47
N ILE B 176 -25.94 14.51 -27.21
CA ILE B 176 -26.49 14.13 -25.91
C ILE B 176 -25.67 13.00 -25.31
N LEU B 177 -25.18 13.20 -24.08
CA LEU B 177 -24.48 12.16 -23.34
C LEU B 177 -25.29 11.72 -22.12
N ILE B 178 -25.65 10.45 -22.08
CA ILE B 178 -26.36 9.88 -20.94
C ILE B 178 -25.36 9.31 -19.94
N ALA B 179 -25.35 9.88 -18.74
CA ALA B 179 -24.45 9.45 -17.67
C ALA B 179 -25.20 9.51 -16.34
N THR B 180 -26.43 8.99 -16.34
CA THR B 180 -27.30 9.03 -15.17
C THR B 180 -27.04 7.93 -14.14
N GLY B 181 -26.09 7.04 -14.45
CA GLY B 181 -25.65 6.01 -13.51
C GLY B 181 -26.71 4.98 -13.15
N SER B 182 -26.62 4.47 -11.92
CA SER B 182 -27.48 3.37 -11.47
C SER B 182 -28.24 3.67 -10.18
N TRP B 183 -29.00 2.69 -9.72
CA TRP B 183 -29.92 2.85 -8.57
C TRP B 183 -30.17 1.48 -7.92
N PRO B 184 -30.23 1.43 -6.56
CA PRO B 184 -30.40 0.17 -5.84
C PRO B 184 -31.71 -0.56 -6.15
N THR B 185 -31.61 -1.87 -6.42
CA THR B 185 -32.79 -2.73 -6.59
C THR B 185 -33.38 -3.07 -5.23
N ARG B 186 -34.68 -3.34 -5.19
CA ARG B 186 -35.33 -3.71 -3.95
C ARG B 186 -35.70 -5.19 -3.90
N LEU B 187 -36.15 -5.65 -2.73
CA LEU B 187 -36.35 -7.07 -2.49
C LEU B 187 -37.65 -7.62 -3.06
N GLY B 188 -38.64 -6.73 -3.27
CA GLY B 188 -39.96 -7.13 -3.78
C GLY B 188 -40.61 -8.17 -2.87
N VAL B 189 -40.77 -7.80 -1.60
CA VAL B 189 -41.20 -8.72 -0.57
C VAL B 189 -42.10 -7.99 0.43
N PRO B 190 -43.17 -8.65 0.90
CA PRO B 190 -44.01 -8.07 1.97
C PRO B 190 -43.18 -7.39 3.06
N GLY B 191 -43.29 -6.06 3.16
CA GLY B 191 -42.55 -5.29 4.14
C GLY B 191 -41.22 -4.74 3.65
N ASP B 192 -41.03 -4.78 2.33
CA ASP B 192 -39.81 -4.32 1.68
C ASP B 192 -39.53 -2.83 1.94
N GLU B 193 -40.59 -2.02 1.99
CA GLU B 193 -40.46 -0.58 2.22
C GLU B 193 -39.98 -0.21 3.62
N PHE B 194 -39.93 -1.19 4.53
CA PHE B 194 -39.39 -0.99 5.88
C PHE B 194 -37.86 -1.04 5.89
N CYS B 195 -37.28 -1.41 4.76
CA CYS B 195 -35.82 -1.57 4.65
C CYS B 195 -35.13 -0.32 4.13
N ILE B 196 -33.83 -0.22 4.39
CA ILE B 196 -33.00 0.85 3.85
C ILE B 196 -32.03 0.28 2.81
N THR B 197 -31.43 1.17 2.03
CA THR B 197 -30.36 0.81 1.10
C THR B 197 -29.11 1.59 1.48
N SER B 198 -28.09 1.55 0.62
CA SER B 198 -26.86 2.32 0.84
C SER B 198 -27.14 3.81 0.98
N ASN B 199 -28.06 4.33 0.16
CA ASN B 199 -28.49 5.74 0.21
C ASN B 199 -28.87 6.22 1.60
N GLU B 200 -29.83 5.52 2.23
CA GLU B 200 -30.36 5.92 3.54
C GLU B 200 -29.39 5.64 4.68
N ALA B 201 -28.54 4.63 4.49
CA ALA B 201 -27.55 4.26 5.49
C ALA B 201 -26.60 5.41 5.80
N PHE B 202 -26.28 6.21 4.78
CA PHE B 202 -25.38 7.35 4.92
C PHE B 202 -25.96 8.47 5.78
N TYR B 203 -27.26 8.41 6.06
CA TYR B 203 -27.96 9.47 6.79
C TYR B 203 -28.73 9.00 8.02
N LEU B 204 -28.40 7.80 8.49
CA LEU B 204 -29.00 7.27 9.72
C LEU B 204 -28.69 8.17 10.92
N GLU B 205 -29.72 8.47 11.70
CA GLU B 205 -29.61 9.32 12.89
C GLU B 205 -28.67 8.69 13.91
N ASP B 206 -28.87 7.40 14.15
CA ASP B 206 -28.09 6.65 15.13
C ASP B 206 -27.56 5.35 14.53
N ALA B 207 -26.40 4.92 15.03
CA ALA B 207 -25.83 3.63 14.67
C ALA B 207 -26.65 2.50 15.30
N PRO B 208 -27.22 1.63 14.45
CA PRO B 208 -28.09 0.53 14.86
C PRO B 208 -27.42 -0.44 15.84
N LYS B 209 -28.19 -0.94 16.80
CA LYS B 209 -27.69 -1.94 17.74
C LYS B 209 -27.74 -3.34 17.14
N ARG B 210 -28.84 -3.66 16.48
CA ARG B 210 -29.01 -4.98 15.87
C ARG B 210 -29.24 -4.80 14.37
N MET B 211 -28.16 -4.94 13.61
CA MET B 211 -28.15 -4.59 12.19
C MET B 211 -28.15 -5.83 11.31
N LEU B 212 -28.95 -5.80 10.23
CA LEU B 212 -28.94 -6.86 9.24
C LEU B 212 -28.58 -6.33 7.84
N CYS B 213 -27.56 -6.92 7.23
CA CYS B 213 -27.19 -6.62 5.85
C CYS B 213 -27.56 -7.79 4.96
N VAL B 214 -28.43 -7.53 4.00
CA VAL B 214 -28.81 -8.52 3.00
C VAL B 214 -27.96 -8.32 1.75
N GLY B 215 -27.40 -9.41 1.24
CA GLY B 215 -26.58 -9.34 0.04
C GLY B 215 -25.20 -9.94 0.22
N GLY B 216 -24.46 -10.06 -0.89
CA GLY B 216 -23.12 -10.63 -0.87
C GLY B 216 -22.18 -9.89 -1.82
N GLY B 217 -22.59 -8.70 -2.24
CA GLY B 217 -21.76 -7.84 -3.06
C GLY B 217 -20.78 -7.06 -2.22
N TYR B 218 -19.88 -6.34 -2.88
CA TYR B 218 -18.89 -5.54 -2.17
C TYR B 218 -19.53 -4.49 -1.26
N ILE B 219 -20.63 -3.91 -1.70
CA ILE B 219 -21.37 -2.93 -0.90
C ILE B 219 -21.87 -3.56 0.40
N ALA B 220 -22.49 -4.73 0.29
CA ALA B 220 -22.99 -5.46 1.45
C ALA B 220 -21.88 -5.72 2.46
N VAL B 221 -20.73 -6.19 1.97
CA VAL B 221 -19.59 -6.53 2.81
C VAL B 221 -18.95 -5.30 3.45
N GLU B 222 -18.75 -4.24 2.66
CA GLU B 222 -18.13 -3.03 3.17
C GLU B 222 -18.94 -2.36 4.28
N PHE B 223 -20.27 -2.35 4.11
CA PHE B 223 -21.18 -1.75 5.09
C PHE B 223 -21.31 -2.58 6.37
N ALA B 224 -21.40 -3.89 6.23
CA ALA B 224 -21.35 -4.79 7.37
C ALA B 224 -20.15 -4.45 8.24
N GLY B 225 -19.02 -4.16 7.59
CA GLY B 225 -17.80 -3.74 8.27
C GLY B 225 -17.90 -2.40 8.96
N ILE B 226 -18.66 -1.48 8.37
CA ILE B 226 -18.86 -0.14 8.94
C ILE B 226 -19.71 -0.20 10.21
N PHE B 227 -20.84 -0.89 10.13
CA PHE B 227 -21.75 -1.04 11.26
C PHE B 227 -21.11 -1.84 12.40
N ASN B 228 -20.31 -2.85 12.03
CA ASN B 228 -19.54 -3.63 12.99
C ASN B 228 -18.58 -2.76 13.81
N GLY B 229 -18.15 -1.65 13.22
CA GLY B 229 -17.23 -0.74 13.89
C GLY B 229 -17.95 0.28 14.74
N TYR B 230 -19.16 0.67 14.31
CA TYR B 230 -19.90 1.75 14.94
C TYR B 230 -21.11 1.29 15.77
N LYS B 231 -21.32 -0.01 15.88
CA LYS B 231 -22.34 -0.58 16.76
C LYS B 231 -22.13 -0.14 18.21
N PRO B 232 -23.23 0.12 18.95
CA PRO B 232 -23.13 0.39 20.38
C PRO B 232 -22.89 -0.91 21.15
N CYS B 233 -22.84 -0.84 22.48
CA CYS B 233 -22.66 -2.02 23.33
C CYS B 233 -23.71 -3.09 23.09
N GLY B 234 -23.28 -4.35 23.16
CA GLY B 234 -24.16 -5.48 22.94
C GLY B 234 -24.66 -5.56 21.50
N GLY B 235 -24.28 -4.57 20.70
CA GLY B 235 -24.63 -4.53 19.29
C GLY B 235 -23.98 -5.65 18.50
N TYR B 236 -24.59 -5.98 17.36
CA TYR B 236 -24.10 -7.01 16.46
C TYR B 236 -24.65 -6.80 15.05
N VAL B 237 -23.94 -7.33 14.06
CA VAL B 237 -24.38 -7.23 12.67
C VAL B 237 -24.35 -8.60 12.00
N ASP B 238 -25.46 -8.95 11.35
CA ASP B 238 -25.58 -10.19 10.60
C ASP B 238 -25.53 -9.90 9.12
N LEU B 239 -24.74 -10.69 8.40
CA LEU B 239 -24.68 -10.60 6.95
C LEU B 239 -25.43 -11.79 6.36
N CYS B 240 -26.51 -11.51 5.66
CA CYS B 240 -27.39 -12.54 5.12
C CYS B 240 -27.32 -12.62 3.60
N TYR B 241 -26.88 -13.77 3.08
CA TYR B 241 -26.74 -13.97 1.65
C TYR B 241 -27.44 -15.23 1.21
N ARG B 242 -28.07 -15.17 0.03
CA ARG B 242 -28.86 -16.28 -0.50
C ARG B 242 -28.04 -17.38 -1.20
N GLY B 243 -26.77 -17.11 -1.46
CA GLY B 243 -25.88 -18.08 -2.11
C GLY B 243 -24.95 -18.78 -1.14
N ASP B 244 -24.08 -19.64 -1.66
CA ASP B 244 -23.16 -20.44 -0.83
C ASP B 244 -22.01 -19.62 -0.25
N LEU B 245 -21.45 -18.74 -1.07
CA LEU B 245 -20.25 -17.99 -0.71
C LEU B 245 -20.40 -16.54 -1.15
N ILE B 246 -20.05 -15.61 -0.27
CA ILE B 246 -20.17 -14.18 -0.57
C ILE B 246 -19.15 -13.74 -1.61
N LEU B 247 -19.47 -12.63 -2.29
CA LEU B 247 -18.60 -12.02 -3.31
C LEU B 247 -18.36 -12.89 -4.54
N ARG B 248 -19.45 -13.23 -5.23
CA ARG B 248 -19.36 -13.95 -6.50
C ARG B 248 -18.52 -13.19 -7.50
N GLY B 249 -17.67 -13.91 -8.24
CA GLY B 249 -16.79 -13.31 -9.23
C GLY B 249 -15.40 -13.02 -8.71
N PHE B 250 -15.20 -13.23 -7.41
CA PHE B 250 -13.88 -13.06 -6.79
C PHE B 250 -13.20 -14.40 -6.61
N ASP B 251 -11.89 -14.35 -6.34
CA ASP B 251 -11.09 -15.54 -6.08
C ASP B 251 -11.70 -16.32 -4.93
N THR B 252 -11.96 -17.60 -5.17
CA THR B 252 -12.66 -18.47 -4.20
C THR B 252 -11.95 -18.55 -2.85
N GLU B 253 -10.62 -18.69 -2.88
CA GLU B 253 -9.82 -18.74 -1.66
C GLU B 253 -9.83 -17.43 -0.90
N VAL B 254 -9.87 -16.31 -1.63
CA VAL B 254 -10.00 -14.98 -1.04
C VAL B 254 -11.36 -14.82 -0.34
N ARG B 255 -12.43 -15.25 -1.02
CA ARG B 255 -13.79 -15.14 -0.50
C ARG B 255 -13.96 -15.93 0.79
N LYS B 256 -13.40 -17.14 0.83
CA LYS B 256 -13.49 -18.00 2.01
C LYS B 256 -12.67 -17.45 3.17
N SER B 257 -11.51 -16.90 2.87
CA SER B 257 -10.61 -16.36 3.89
C SER B 257 -11.14 -15.05 4.48
N LEU B 258 -11.88 -14.30 3.68
CA LEU B 258 -12.53 -13.07 4.15
C LEU B 258 -13.75 -13.41 5.01
N THR B 259 -14.52 -14.41 4.59
CA THR B 259 -15.68 -14.87 5.34
C THR B 259 -15.23 -15.29 6.74
N LYS B 260 -14.10 -15.99 6.77
CA LYS B 260 -13.50 -16.46 8.01
C LYS B 260 -13.04 -15.26 8.87
N GLN B 261 -12.47 -14.25 8.23
CA GLN B 261 -11.96 -13.07 8.92
C GLN B 261 -13.03 -12.09 9.39
N LEU B 262 -14.14 -12.02 8.65
CA LEU B 262 -15.29 -11.24 9.08
C LEU B 262 -15.89 -11.85 10.34
N GLY B 263 -15.95 -13.19 10.35
CA GLY B 263 -16.42 -13.95 11.50
C GLY B 263 -15.61 -13.63 12.73
N ALA B 264 -14.29 -13.73 12.60
CA ALA B 264 -13.36 -13.46 13.68
C ALA B 264 -13.45 -12.04 14.22
N ASN B 265 -13.92 -11.12 13.37
CA ASN B 265 -14.07 -9.71 13.73
C ASN B 265 -15.47 -9.38 14.28
N GLY B 266 -16.31 -10.40 14.39
CA GLY B 266 -17.62 -10.26 15.03
C GLY B 266 -18.83 -10.27 14.11
N ILE B 267 -18.63 -10.24 12.81
CA ILE B 267 -19.74 -10.28 11.85
C ILE B 267 -20.21 -11.71 11.65
N ARG B 268 -21.47 -11.97 11.96
CA ARG B 268 -22.06 -13.27 11.76
C ARG B 268 -22.55 -13.42 10.33
N VAL B 269 -21.84 -14.24 9.55
CA VAL B 269 -22.17 -14.45 8.15
C VAL B 269 -23.16 -15.60 7.98
N ARG B 270 -24.30 -15.32 7.36
CA ARG B 270 -25.30 -16.33 7.11
C ARG B 270 -25.53 -16.60 5.62
N THR B 271 -25.62 -17.87 5.28
CA THR B 271 -25.54 -18.35 3.90
C THR B 271 -26.81 -19.11 3.52
N ASN B 272 -27.17 -19.05 2.23
CA ASN B 272 -28.39 -19.68 1.71
C ASN B 272 -29.62 -19.24 2.51
N LEU B 273 -29.71 -17.95 2.74
CA LEU B 273 -30.74 -17.38 3.59
C LEU B 273 -31.31 -16.13 2.93
N ASN B 274 -32.59 -15.88 3.18
CA ASN B 274 -33.32 -14.83 2.49
C ASN B 274 -34.50 -14.37 3.33
N PRO B 275 -34.65 -13.05 3.52
CA PRO B 275 -35.87 -12.54 4.15
C PRO B 275 -37.12 -12.91 3.35
N THR B 276 -38.17 -13.34 4.05
CA THR B 276 -39.44 -13.70 3.42
C THR B 276 -40.45 -12.57 3.55
N LYS B 277 -40.53 -11.97 4.74
CA LYS B 277 -41.32 -10.77 4.98
C LYS B 277 -40.80 -9.99 6.20
N ILE B 278 -41.09 -8.70 6.21
CA ILE B 278 -40.71 -7.82 7.31
C ILE B 278 -41.93 -7.07 7.83
N THR B 279 -42.12 -7.11 9.15
CA THR B 279 -43.21 -6.40 9.81
C THR B 279 -42.64 -5.49 10.89
N LYS B 280 -43.14 -4.27 10.98
CA LYS B 280 -42.60 -3.28 11.90
C LYS B 280 -43.17 -3.41 13.31
N ASN B 281 -42.31 -3.79 14.25
CA ASN B 281 -42.66 -3.80 15.67
C ASN B 281 -43.04 -2.41 16.15
N GLU B 282 -43.99 -2.34 17.07
CA GLU B 282 -44.58 -1.07 17.49
C GLU B 282 -43.66 -0.22 18.36
N ASP B 283 -42.47 -0.73 18.66
CA ASP B 283 -41.45 0.04 19.38
C ASP B 283 -40.45 0.70 18.43
N GLY B 284 -40.54 0.37 17.14
CA GLY B 284 -39.68 0.97 16.12
C GLY B 284 -38.89 -0.03 15.29
N SER B 285 -38.40 -1.09 15.95
CA SER B 285 -37.57 -2.12 15.33
C SER B 285 -38.31 -2.91 14.24
N ASN B 286 -37.61 -3.83 13.59
CA ASN B 286 -38.17 -4.61 12.50
C ASN B 286 -38.11 -6.11 12.76
N HIS B 287 -39.26 -6.76 12.63
CA HIS B 287 -39.32 -8.22 12.74
C HIS B 287 -39.13 -8.82 11.36
N VAL B 288 -38.13 -9.69 11.24
CA VAL B 288 -37.78 -10.29 9.95
C VAL B 288 -37.98 -11.81 9.97
N HIS B 289 -38.77 -12.29 9.01
CA HIS B 289 -38.99 -13.72 8.81
C HIS B 289 -38.03 -14.21 7.74
N PHE B 290 -37.39 -15.35 7.99
CA PHE B 290 -36.34 -15.84 7.09
C PHE B 290 -36.74 -17.04 6.23
N ASN B 291 -35.87 -17.34 5.27
CA ASN B 291 -35.97 -18.47 4.35
C ASN B 291 -36.14 -19.82 5.04
N ASP B 292 -35.36 -20.05 6.09
CA ASP B 292 -35.37 -21.32 6.81
C ASP B 292 -36.46 -21.41 7.87
N GLY B 293 -37.25 -20.34 8.01
CA GLY B 293 -38.37 -20.32 8.95
C GLY B 293 -38.10 -19.56 10.24
N THR B 294 -36.85 -19.15 10.45
CA THR B 294 -36.48 -18.41 11.66
C THR B 294 -37.00 -16.97 11.66
N GLU B 295 -37.08 -16.37 12.85
CA GLU B 295 -37.57 -15.01 13.02
C GLU B 295 -36.65 -14.24 13.96
N GLU B 296 -36.32 -13.01 13.59
CA GLU B 296 -35.43 -12.19 14.41
C GLU B 296 -35.76 -10.71 14.33
N ASP B 297 -35.39 -9.99 15.38
CA ASP B 297 -35.60 -8.54 15.44
C ASP B 297 -34.32 -7.78 15.12
N TYR B 298 -34.44 -6.83 14.19
CA TYR B 298 -33.33 -5.95 13.83
C TYR B 298 -33.74 -4.49 13.88
N ASP B 299 -32.89 -3.66 14.48
CA ASP B 299 -33.12 -2.21 14.55
C ASP B 299 -33.12 -1.58 13.17
N GLN B 300 -32.36 -2.17 12.25
CA GLN B 300 -32.29 -1.68 10.88
C GLN B 300 -31.95 -2.82 9.93
N VAL B 301 -32.51 -2.79 8.72
CA VAL B 301 -32.28 -3.82 7.71
C VAL B 301 -31.90 -3.18 6.37
N MET B 302 -30.66 -3.43 5.94
CA MET B 302 -30.15 -2.84 4.71
C MET B 302 -30.10 -3.84 3.55
N LEU B 303 -30.62 -3.41 2.40
CA LEU B 303 -30.61 -4.21 1.19
C LEU B 303 -29.49 -3.76 0.25
N ALA B 304 -28.55 -4.66 0.00
CA ALA B 304 -27.50 -4.41 -0.98
C ALA B 304 -27.47 -5.59 -1.93
N ILE B 305 -28.53 -5.70 -2.73
CA ILE B 305 -28.77 -6.89 -3.56
C ILE B 305 -28.68 -6.64 -5.07
N GLY B 306 -28.33 -5.42 -5.47
CA GLY B 306 -28.15 -5.11 -6.90
C GLY B 306 -28.40 -3.66 -7.24
N ARG B 307 -27.70 -3.19 -8.28
CA ARG B 307 -27.87 -1.82 -8.76
C ARG B 307 -28.16 -1.81 -10.26
N VAL B 308 -29.39 -1.44 -10.62
CA VAL B 308 -29.82 -1.36 -12.01
C VAL B 308 -29.64 0.04 -12.60
N PRO B 309 -29.27 0.13 -13.89
CA PRO B 309 -29.11 1.40 -14.59
C PRO B 309 -30.36 2.30 -14.46
N ARG B 310 -30.12 3.58 -14.25
CA ARG B 310 -31.19 4.54 -14.05
C ARG B 310 -31.59 5.18 -15.38
N SER B 311 -32.48 4.51 -16.09
CA SER B 311 -32.85 4.90 -17.45
C SER B 311 -34.36 4.86 -17.70
N GLN B 312 -35.08 4.29 -16.75
CA GLN B 312 -36.53 4.11 -16.83
C GLN B 312 -37.32 5.43 -16.96
N ALA B 313 -36.78 6.51 -16.38
CA ALA B 313 -37.47 7.80 -16.38
C ALA B 313 -36.87 8.84 -17.35
N LEU B 314 -36.19 8.36 -18.38
CA LEU B 314 -35.50 9.25 -19.30
C LEU B 314 -36.22 9.46 -20.63
N GLN B 315 -37.38 8.83 -20.79
CA GLN B 315 -38.11 8.82 -22.06
C GLN B 315 -37.20 8.48 -23.24
N LEU B 316 -36.49 7.36 -23.11
CA LEU B 316 -35.57 6.91 -24.14
C LEU B 316 -36.30 6.38 -25.37
N ASP B 317 -37.52 5.89 -25.13
CA ASP B 317 -38.43 5.47 -26.21
C ASP B 317 -38.67 6.60 -27.21
N LYS B 318 -39.01 7.79 -26.70
CA LYS B 318 -39.26 8.96 -27.55
C LYS B 318 -38.13 9.24 -28.54
N ALA B 319 -36.89 9.22 -28.08
CA ALA B 319 -35.73 9.46 -28.95
C ALA B 319 -35.29 8.18 -29.67
N GLY B 320 -35.80 7.04 -29.22
CA GLY B 320 -35.50 5.75 -29.84
C GLY B 320 -34.10 5.23 -29.54
N VAL B 321 -33.77 5.16 -28.25
CA VAL B 321 -32.49 4.58 -27.80
C VAL B 321 -32.75 3.19 -27.22
N ARG B 322 -32.07 2.18 -27.77
CA ARG B 322 -32.33 0.80 -27.39
C ARG B 322 -31.79 0.41 -26.02
N THR B 323 -32.67 -0.11 -25.17
CA THR B 323 -32.30 -0.54 -23.82
C THR B 323 -32.48 -2.05 -23.64
N GLY B 324 -31.36 -2.75 -23.49
CA GLY B 324 -31.36 -4.20 -23.34
C GLY B 324 -31.72 -4.67 -21.94
N LYS B 325 -30.76 -5.35 -21.31
CA LYS B 325 -30.98 -6.00 -20.02
C LYS B 325 -31.07 -5.01 -18.86
N ASN B 326 -32.24 -4.97 -18.22
CA ASN B 326 -32.52 -4.14 -17.05
C ASN B 326 -32.48 -2.62 -17.31
N GLY B 327 -32.71 -2.24 -18.56
CA GLY B 327 -32.72 -0.83 -18.95
C GLY B 327 -31.37 -0.28 -19.38
N ALA B 328 -30.36 -1.14 -19.45
CA ALA B 328 -29.02 -0.72 -19.85
C ALA B 328 -29.01 -0.17 -21.27
N VAL B 329 -28.42 1.02 -21.44
CA VAL B 329 -28.28 1.62 -22.77
C VAL B 329 -27.20 0.89 -23.56
N GLN B 330 -27.61 0.34 -24.69
CA GLN B 330 -26.72 -0.46 -25.55
C GLN B 330 -25.77 0.45 -26.31
N VAL B 331 -24.49 0.13 -26.23
CA VAL B 331 -23.44 0.98 -26.81
C VAL B 331 -22.33 0.15 -27.45
N ASP B 332 -21.69 0.71 -28.47
CA ASP B 332 -20.50 0.08 -29.05
C ASP B 332 -19.26 0.49 -28.27
N ALA B 333 -18.09 0.01 -28.73
CA ALA B 333 -16.82 0.27 -28.05
C ALA B 333 -16.47 1.75 -27.92
N TYR B 334 -17.26 2.62 -28.54
CA TYR B 334 -17.04 4.07 -28.47
C TYR B 334 -18.19 4.77 -27.76
N SER B 335 -19.04 3.98 -27.12
CA SER B 335 -20.17 4.47 -26.30
C SER B 335 -21.33 5.07 -27.10
N LYS B 336 -21.30 4.89 -28.42
CA LYS B 336 -22.38 5.37 -29.29
C LYS B 336 -23.63 4.52 -29.13
N THR B 337 -24.79 5.16 -29.06
CA THR B 337 -26.06 4.44 -28.91
C THR B 337 -26.66 4.07 -30.26
N SER B 338 -27.91 3.61 -30.24
CA SER B 338 -28.66 3.31 -31.46
C SER B 338 -28.94 4.58 -32.29
N VAL B 339 -28.91 5.74 -31.64
CA VAL B 339 -28.99 7.05 -32.32
C VAL B 339 -27.58 7.64 -32.44
N ASP B 340 -27.24 8.10 -33.65
CA ASP B 340 -25.86 8.42 -34.04
C ASP B 340 -25.18 9.54 -33.23
N ASN B 341 -25.96 10.48 -32.74
CA ASN B 341 -25.42 11.65 -32.00
C ASN B 341 -25.64 11.57 -30.49
N ILE B 342 -26.31 10.50 -30.04
CA ILE B 342 -26.50 10.25 -28.61
C ILE B 342 -25.49 9.22 -28.11
N TYR B 343 -24.92 9.46 -26.93
CA TYR B 343 -23.94 8.59 -26.31
C TYR B 343 -24.30 8.26 -24.86
N ALA B 344 -23.71 7.20 -24.32
CA ALA B 344 -23.95 6.81 -22.93
C ALA B 344 -22.70 6.19 -22.31
N ILE B 345 -22.42 6.57 -21.06
CA ILE B 345 -21.24 6.09 -20.33
C ILE B 345 -21.58 5.71 -18.87
N GLY B 346 -20.69 4.94 -18.25
CA GLY B 346 -20.82 4.59 -16.84
C GLY B 346 -21.91 3.59 -16.53
N ASP B 347 -22.34 3.59 -15.27
CA ASP B 347 -23.28 2.59 -14.73
C ASP B 347 -24.54 2.38 -15.54
N VAL B 348 -24.94 3.39 -16.30
CA VAL B 348 -26.15 3.29 -17.12
C VAL B 348 -25.98 2.29 -18.29
N THR B 349 -24.74 2.09 -18.74
CA THR B 349 -24.44 1.11 -19.78
C THR B 349 -24.35 -0.31 -19.24
N ASN B 350 -24.22 -0.45 -17.92
CA ASN B 350 -24.17 -1.75 -17.23
C ASN B 350 -22.99 -2.63 -17.66
N ARG B 351 -21.81 -2.02 -17.77
CA ARG B 351 -20.58 -2.78 -17.99
C ARG B 351 -19.89 -2.98 -16.65
N VAL B 352 -18.67 -2.46 -16.51
CA VAL B 352 -17.97 -2.49 -15.22
C VAL B 352 -18.30 -1.21 -14.46
N MET B 353 -19.08 -1.35 -13.38
CA MET B 353 -19.64 -0.21 -12.65
C MET B 353 -18.68 0.40 -11.63
N LEU B 354 -17.62 1.02 -12.14
CA LEU B 354 -16.61 1.67 -11.32
C LEU B 354 -16.40 3.10 -11.76
N THR B 355 -16.07 3.96 -10.80
CA THR B 355 -15.86 5.38 -11.05
C THR B 355 -14.77 5.69 -12.09
N PRO B 356 -13.55 5.12 -11.93
CA PRO B 356 -12.49 5.45 -12.90
C PRO B 356 -12.77 4.89 -14.30
N VAL B 357 -13.60 3.86 -14.37
CA VAL B 357 -14.06 3.30 -15.65
C VAL B 357 -14.96 4.32 -16.36
N ALA B 358 -15.99 4.79 -15.66
CA ALA B 358 -16.88 5.85 -16.16
C ALA B 358 -16.10 7.11 -16.55
N ILE B 359 -15.15 7.52 -15.71
CA ILE B 359 -14.26 8.64 -16.00
C ILE B 359 -13.49 8.40 -17.30
N ASN B 360 -12.93 7.20 -17.44
CA ASN B 360 -12.19 6.83 -18.65
C ASN B 360 -13.08 6.84 -19.89
N GLU B 361 -14.26 6.21 -19.79
CA GLU B 361 -15.24 6.19 -20.87
C GLU B 361 -15.61 7.59 -21.32
N GLY B 362 -15.80 8.49 -20.35
CA GLY B 362 -16.12 9.88 -20.61
C GLY B 362 -14.97 10.61 -21.29
N ALA B 363 -13.75 10.33 -20.84
CA ALA B 363 -12.55 10.91 -21.42
C ALA B 363 -12.38 10.48 -22.87
N ALA B 364 -12.63 9.19 -23.13
CA ALA B 364 -12.53 8.62 -24.48
C ALA B 364 -13.55 9.24 -25.42
N PHE B 365 -14.78 9.38 -24.94
CA PHE B 365 -15.89 10.02 -25.66
C PHE B 365 -15.52 11.39 -26.20
N VAL B 366 -14.93 12.23 -25.35
CA VAL B 366 -14.54 13.58 -25.74
C VAL B 366 -13.43 13.53 -26.78
N GLU B 367 -12.39 12.74 -26.51
CA GLU B 367 -11.26 12.56 -27.43
C GLU B 367 -11.73 12.11 -28.82
N THR B 368 -12.70 11.20 -28.85
CA THR B 368 -13.29 10.69 -30.09
C THR B 368 -14.04 11.79 -30.85
N VAL B 369 -15.12 12.29 -30.24
CA VAL B 369 -16.07 13.17 -30.92
C VAL B 369 -15.56 14.60 -31.12
N PHE B 370 -14.99 15.21 -30.08
CA PHE B 370 -14.55 16.61 -30.16
C PHE B 370 -13.05 16.77 -30.40
N GLY B 371 -12.27 15.75 -30.06
CA GLY B 371 -10.83 15.77 -30.29
C GLY B 371 -10.42 15.22 -31.63
N GLY B 372 -11.35 14.52 -32.29
CA GLY B 372 -11.12 13.92 -33.61
C GLY B 372 -10.15 12.76 -33.60
N LYS B 373 -9.84 12.26 -32.41
CA LYS B 373 -8.89 11.15 -32.24
C LYS B 373 -9.56 10.01 -31.48
N PRO B 374 -10.30 9.14 -32.19
CA PRO B 374 -11.11 8.08 -31.58
C PRO B 374 -10.33 7.20 -30.61
N ARG B 375 -11.00 6.74 -29.56
CA ARG B 375 -10.43 5.82 -28.59
C ARG B 375 -11.52 5.00 -27.92
N ALA B 376 -11.26 3.70 -27.74
CA ALA B 376 -12.16 2.80 -27.03
C ALA B 376 -11.60 2.54 -25.63
N THR B 377 -12.48 2.46 -24.65
CA THR B 377 -12.08 2.19 -23.27
C THR B 377 -11.74 0.71 -23.11
N ASP B 378 -10.57 0.45 -22.52
CA ASP B 378 -10.10 -0.90 -22.26
C ASP B 378 -10.74 -1.44 -20.98
N HIS B 379 -11.64 -2.41 -21.13
CA HIS B 379 -12.40 -2.94 -19.98
C HIS B 379 -11.75 -4.16 -19.33
N THR B 380 -10.70 -4.68 -19.96
CA THR B 380 -9.99 -5.85 -19.43
C THR B 380 -8.78 -5.42 -18.62
N LYS B 381 -8.40 -6.26 -17.66
CA LYS B 381 -7.27 -5.99 -16.75
C LYS B 381 -7.42 -4.67 -15.97
N VAL B 382 -8.67 -4.35 -15.63
CA VAL B 382 -8.98 -3.21 -14.78
C VAL B 382 -8.87 -3.65 -13.32
N ALA B 383 -8.05 -2.94 -12.56
CA ALA B 383 -7.89 -3.23 -11.14
C ALA B 383 -9.00 -2.57 -10.32
N CYS B 384 -9.48 -3.28 -9.31
CA CYS B 384 -10.48 -2.73 -8.39
C CYS B 384 -10.21 -3.19 -6.95
N ALA B 385 -10.93 -2.60 -6.00
CA ALA B 385 -10.78 -2.95 -4.60
C ALA B 385 -12.11 -3.12 -3.87
N VAL B 386 -12.09 -3.93 -2.82
CA VAL B 386 -13.22 -4.00 -1.89
C VAL B 386 -12.72 -3.50 -0.54
N PHE B 387 -13.34 -2.43 -0.05
CA PHE B 387 -12.89 -1.83 1.19
C PHE B 387 -13.55 -2.45 2.42
N SER B 388 -13.53 -3.77 2.44
CA SER B 388 -13.88 -4.55 3.61
C SER B 388 -12.76 -4.43 4.64
N ILE B 389 -12.95 -5.07 5.79
CA ILE B 389 -11.92 -5.14 6.81
C ILE B 389 -11.67 -6.61 7.11
N PRO B 390 -10.53 -7.17 6.62
CA PRO B 390 -9.48 -6.53 5.82
C PRO B 390 -9.88 -6.32 4.35
N PRO B 391 -9.20 -5.39 3.64
CA PRO B 391 -9.57 -5.07 2.27
C PRO B 391 -9.11 -6.08 1.21
N ILE B 392 -9.78 -6.06 0.06
CA ILE B 392 -9.41 -6.87 -1.10
C ILE B 392 -8.82 -5.99 -2.21
N GLY B 393 -7.73 -6.46 -2.80
CA GLY B 393 -7.15 -5.85 -3.99
C GLY B 393 -7.10 -6.88 -5.10
N THR B 394 -7.79 -6.62 -6.20
CA THR B 394 -7.88 -7.59 -7.29
C THR B 394 -7.74 -6.98 -8.68
N CYS B 395 -7.09 -7.72 -9.58
CA CYS B 395 -6.94 -7.32 -10.98
C CYS B 395 -6.75 -8.54 -11.86
N GLY B 396 -7.66 -8.74 -12.81
CA GLY B 396 -7.55 -9.83 -13.76
C GLY B 396 -8.57 -10.94 -13.59
N MET B 397 -8.20 -12.13 -14.04
CA MET B 397 -9.10 -13.30 -14.09
C MET B 397 -9.02 -14.17 -12.85
N THR B 398 -10.17 -14.71 -12.45
CA THR B 398 -10.21 -15.77 -11.45
C THR B 398 -9.77 -17.06 -12.13
N GLU B 399 -9.18 -17.97 -11.36
CA GLU B 399 -8.71 -19.25 -11.90
C GLU B 399 -9.80 -20.00 -12.65
N GLU B 400 -11.02 -19.98 -12.12
CA GLU B 400 -12.17 -20.65 -12.73
C GLU B 400 -12.43 -20.17 -14.15
N GLU B 401 -12.32 -18.86 -14.36
CA GLU B 401 -12.52 -18.27 -15.69
C GLU B 401 -11.32 -18.54 -16.59
N ALA B 402 -10.12 -18.24 -16.10
CA ALA B 402 -8.87 -18.49 -16.82
C ALA B 402 -8.76 -19.93 -17.32
N ALA B 403 -9.21 -20.87 -16.49
CA ALA B 403 -9.17 -22.30 -16.83
C ALA B 403 -10.08 -22.67 -18.01
N LYS B 404 -11.14 -21.89 -18.21
CA LYS B 404 -12.08 -22.11 -19.31
C LYS B 404 -11.58 -21.54 -20.63
N ASN B 405 -10.72 -20.52 -20.56
CA ASN B 405 -10.30 -19.77 -21.75
C ASN B 405 -8.87 -20.03 -22.19
N TYR B 406 -8.14 -20.84 -21.43
CA TYR B 406 -6.73 -21.08 -21.71
C TYR B 406 -6.35 -22.56 -21.66
N GLU B 407 -5.39 -22.92 -22.50
CA GLU B 407 -4.89 -24.29 -22.58
C GLU B 407 -4.29 -24.77 -21.26
N THR B 408 -3.26 -24.06 -20.78
CA THR B 408 -2.56 -24.44 -19.56
C THR B 408 -2.47 -23.24 -18.59
N VAL B 409 -2.99 -23.43 -17.38
CA VAL B 409 -3.06 -22.38 -16.37
C VAL B 409 -2.31 -22.81 -15.10
N ALA B 410 -1.40 -21.95 -14.63
CA ALA B 410 -0.67 -22.19 -13.39
C ALA B 410 -1.20 -21.28 -12.26
N VAL B 411 -1.48 -21.89 -11.10
CA VAL B 411 -1.96 -21.14 -9.95
C VAL B 411 -0.85 -21.03 -8.90
N TYR B 412 -0.49 -19.79 -8.56
CA TYR B 412 0.45 -19.52 -7.48
C TYR B 412 -0.32 -19.00 -6.27
N ALA B 413 0.06 -19.46 -5.09
CA ALA B 413 -0.63 -19.09 -3.86
C ALA B 413 0.36 -18.95 -2.71
N SER B 414 0.16 -17.91 -1.91
CA SER B 414 0.95 -17.68 -0.72
C SER B 414 0.15 -16.96 0.36
N SER B 415 0.02 -17.61 1.51
CA SER B 415 -0.57 -17.01 2.69
C SER B 415 0.51 -16.80 3.75
N PHE B 416 0.42 -15.70 4.47
CA PHE B 416 1.34 -15.39 5.56
C PHE B 416 0.72 -14.41 6.54
N THR B 417 1.14 -14.49 7.80
CA THR B 417 0.68 -13.55 8.82
C THR B 417 1.83 -12.60 9.17
N PRO B 418 1.66 -11.30 8.87
CA PRO B 418 2.67 -10.29 9.21
C PRO B 418 3.07 -10.40 10.66
N LEU B 419 4.36 -10.21 10.94
CA LEU B 419 4.90 -10.44 12.29
C LEU B 419 4.27 -9.57 13.36
N MET B 420 3.88 -8.35 12.98
CA MET B 420 3.26 -7.42 13.91
C MET B 420 2.01 -7.97 14.60
N HIS B 421 1.36 -8.95 13.98
CA HIS B 421 0.13 -9.54 14.52
C HIS B 421 0.37 -10.61 15.59
N ASN B 422 1.64 -10.93 15.83
CA ASN B 422 2.02 -11.69 17.01
C ASN B 422 1.86 -10.80 18.23
N ILE B 423 2.29 -9.55 18.06
CA ILE B 423 2.19 -8.54 19.10
C ILE B 423 0.77 -7.96 19.20
N SER B 424 0.17 -7.65 18.05
CA SER B 424 -1.14 -6.97 18.01
C SER B 424 -2.28 -7.83 18.57
N GLY B 425 -2.15 -9.15 18.42
CA GLY B 425 -3.18 -10.08 18.87
C GLY B 425 -4.09 -10.55 17.76
N SER B 426 -4.14 -9.79 16.66
CA SER B 426 -4.98 -10.12 15.51
C SER B 426 -4.38 -11.23 14.64
N LYS B 427 -4.23 -12.41 15.22
CA LYS B 427 -3.59 -13.55 14.55
C LYS B 427 -4.43 -14.11 13.40
N HIS B 428 -5.67 -13.67 13.30
CA HIS B 428 -6.57 -14.06 12.22
C HIS B 428 -6.28 -13.31 10.92
N LYS B 429 -5.50 -12.22 11.03
CA LYS B 429 -5.24 -11.36 9.88
C LYS B 429 -4.11 -11.86 8.97
N GLU B 430 -4.41 -12.93 8.23
CA GLU B 430 -3.55 -13.45 7.18
C GLU B 430 -3.58 -12.56 5.95
N PHE B 431 -2.39 -12.25 5.41
CA PHE B 431 -2.31 -11.67 4.09
C PHE B 431 -2.26 -12.81 3.07
N MET B 432 -3.04 -12.68 2.00
CA MET B 432 -3.12 -13.71 0.96
C MET B 432 -2.83 -13.12 -0.42
N ILE B 433 -1.92 -13.78 -1.15
CA ILE B 433 -1.69 -13.45 -2.57
C ILE B 433 -1.91 -14.69 -3.42
N ARG B 434 -2.66 -14.52 -4.50
CA ARG B 434 -2.87 -15.59 -5.47
C ARG B 434 -2.66 -15.04 -6.87
N ILE B 435 -1.64 -15.56 -7.56
CA ILE B 435 -1.35 -15.16 -8.93
C ILE B 435 -1.79 -16.23 -9.92
N ILE B 436 -2.56 -15.83 -10.92
CA ILE B 436 -3.04 -16.73 -11.97
C ILE B 436 -2.32 -16.43 -13.28
N THR B 437 -1.64 -17.43 -13.84
CA THR B 437 -0.90 -17.25 -15.10
C THR B 437 -1.30 -18.21 -16.20
N ASN B 438 -1.09 -17.80 -17.44
CA ASN B 438 -1.06 -18.71 -18.56
C ASN B 438 0.30 -19.41 -18.60
N GLU B 439 0.28 -20.72 -18.37
CA GLU B 439 1.50 -21.52 -18.22
C GLU B 439 2.34 -21.56 -19.49
N SER B 440 1.68 -21.51 -20.65
CA SER B 440 2.33 -21.50 -21.95
C SER B 440 3.47 -20.48 -22.05
N ASN B 441 3.18 -19.21 -21.76
CA ASN B 441 4.16 -18.13 -21.93
C ASN B 441 4.53 -17.37 -20.64
N GLY B 442 3.87 -17.71 -19.53
CA GLY B 442 4.15 -17.08 -18.23
C GLY B 442 3.39 -15.80 -17.93
N GLU B 443 2.55 -15.37 -18.87
CA GLU B 443 1.79 -14.12 -18.74
C GLU B 443 0.85 -14.16 -17.55
N VAL B 444 0.88 -13.11 -16.74
CA VAL B 444 0.01 -12.99 -15.56
C VAL B 444 -1.40 -12.57 -15.96
N LEU B 445 -2.35 -13.48 -15.70
CA LEU B 445 -3.75 -13.29 -16.10
C LEU B 445 -4.61 -12.71 -14.97
N GLY B 446 -4.21 -12.95 -13.72
CA GLY B 446 -4.92 -12.44 -12.56
C GLY B 446 -4.05 -12.30 -11.32
N VAL B 447 -4.31 -11.25 -10.54
CA VAL B 447 -3.69 -11.09 -9.22
C VAL B 447 -4.78 -10.79 -8.20
N HIS B 448 -4.82 -11.59 -7.14
CA HIS B 448 -5.85 -11.47 -6.10
C HIS B 448 -5.24 -11.43 -4.71
N MET B 449 -5.49 -10.34 -4.00
CA MET B 449 -4.89 -10.12 -2.70
C MET B 449 -5.94 -9.82 -1.62
N LEU B 450 -5.72 -10.40 -0.45
CA LEU B 450 -6.50 -10.09 0.75
C LEU B 450 -5.57 -9.62 1.85
N GLY B 451 -5.91 -8.50 2.49
CA GLY B 451 -5.14 -8.00 3.61
C GLY B 451 -4.93 -6.50 3.53
N ASP B 452 -4.39 -5.93 4.59
CA ASP B 452 -4.19 -4.49 4.66
C ASP B 452 -3.23 -4.00 3.57
N SER B 453 -3.54 -2.82 3.03
CA SER B 453 -2.77 -2.21 1.94
C SER B 453 -3.03 -2.83 0.57
N ALA B 454 -3.90 -3.85 0.50
CA ALA B 454 -4.25 -4.51 -0.77
C ALA B 454 -4.76 -3.57 -1.87
N PRO B 455 -5.68 -2.63 -1.55
CA PRO B 455 -6.11 -1.67 -2.56
C PRO B 455 -4.97 -0.80 -3.10
N GLU B 456 -4.02 -0.47 -2.23
CA GLU B 456 -2.90 0.37 -2.62
C GLU B 456 -1.91 -0.38 -3.47
N ILE B 457 -1.61 -1.63 -3.11
CA ILE B 457 -0.65 -2.45 -3.85
C ILE B 457 -1.15 -2.77 -5.27
N ILE B 458 -2.41 -3.21 -5.36
CA ILE B 458 -2.99 -3.65 -6.64
C ILE B 458 -2.94 -2.61 -7.75
N GLN B 459 -2.93 -1.33 -7.37
CA GLN B 459 -2.90 -0.26 -8.37
C GLN B 459 -1.67 -0.35 -9.26
N SER B 460 -0.49 -0.48 -8.65
CA SER B 460 0.75 -0.62 -9.40
C SER B 460 0.88 -2.01 -10.03
N VAL B 461 0.13 -2.97 -9.51
CA VAL B 461 0.02 -4.27 -10.16
C VAL B 461 -0.69 -4.12 -11.51
N GLY B 462 -1.76 -3.32 -11.52
CA GLY B 462 -2.56 -3.08 -12.73
C GLY B 462 -1.78 -2.43 -13.86
N ILE B 463 -0.77 -1.65 -13.51
CA ILE B 463 0.13 -1.07 -14.51
C ILE B 463 0.93 -2.19 -15.18
N CYS B 464 1.48 -3.08 -14.37
CA CYS B 464 2.23 -4.24 -14.85
C CYS B 464 1.42 -5.10 -15.79
N MET B 465 0.21 -5.47 -15.37
CA MET B 465 -0.65 -6.34 -16.15
C MET B 465 -1.08 -5.68 -17.46
N LYS B 466 -1.25 -4.35 -17.43
CA LYS B 466 -1.49 -3.56 -18.64
C LYS B 466 -0.34 -3.72 -19.64
N MET B 467 0.89 -3.72 -19.11
CA MET B 467 2.10 -3.91 -19.92
C MET B 467 2.32 -5.38 -20.29
N GLY B 468 1.34 -6.23 -20.00
CA GLY B 468 1.43 -7.67 -20.27
C GLY B 468 2.55 -8.37 -19.52
N ALA B 469 2.59 -8.18 -18.21
CA ALA B 469 3.66 -8.74 -17.36
C ALA B 469 3.59 -10.25 -17.24
N LYS B 470 4.77 -10.87 -17.10
CA LYS B 470 4.88 -12.31 -16.92
C LYS B 470 5.34 -12.62 -15.49
N ILE B 471 5.08 -13.84 -15.03
CA ILE B 471 5.47 -14.26 -13.69
C ILE B 471 6.97 -14.11 -13.45
N SER B 472 7.76 -14.24 -14.51
CA SER B 472 9.20 -14.01 -14.43
C SER B 472 9.57 -12.56 -14.16
N ASP B 473 8.68 -11.63 -14.49
CA ASP B 473 8.90 -10.21 -14.20
C ASP B 473 8.75 -9.93 -12.71
N PHE B 474 7.92 -10.72 -12.05
CA PHE B 474 7.66 -10.58 -10.63
C PHE B 474 8.85 -11.03 -9.79
N HIS B 475 9.20 -12.31 -9.89
CA HIS B 475 10.27 -12.86 -9.06
C HIS B 475 11.70 -12.46 -9.47
N SER B 476 11.84 -11.70 -10.56
CA SER B 476 13.15 -11.16 -10.93
C SER B 476 13.38 -9.80 -10.26
N THR B 477 12.30 -9.19 -9.77
CA THR B 477 12.36 -7.88 -9.13
C THR B 477 12.82 -8.06 -7.69
N ILE B 478 13.82 -7.27 -7.29
CA ILE B 478 14.32 -7.28 -5.92
C ILE B 478 13.28 -6.64 -4.99
N GLY B 479 12.98 -7.32 -3.89
CA GLY B 479 11.93 -6.90 -2.97
C GLY B 479 12.24 -5.70 -2.09
N VAL B 480 11.18 -5.16 -1.49
CA VAL B 480 11.28 -4.08 -0.50
C VAL B 480 10.95 -4.68 0.87
N HIS B 481 11.87 -4.56 1.80
CA HIS B 481 11.77 -5.28 3.07
C HIS B 481 11.82 -4.34 4.28
N PRO B 482 10.94 -4.56 5.27
CA PRO B 482 9.83 -5.51 5.27
C PRO B 482 8.49 -4.88 4.83
N THR B 483 7.86 -5.49 3.83
CA THR B 483 6.51 -5.10 3.39
C THR B 483 5.67 -6.35 3.15
N SER B 484 4.38 -6.15 2.94
CA SER B 484 3.48 -7.23 2.55
C SER B 484 3.60 -7.49 1.05
N ALA B 485 3.83 -6.42 0.30
CA ALA B 485 3.88 -6.47 -1.17
C ALA B 485 5.07 -7.26 -1.70
N GLU B 486 6.14 -7.35 -0.90
CA GLU B 486 7.37 -8.03 -1.32
C GLU B 486 7.17 -9.52 -1.60
N GLU B 487 6.06 -10.07 -1.11
CA GLU B 487 5.74 -11.47 -1.30
C GLU B 487 5.29 -11.80 -2.74
N LEU B 488 4.97 -10.76 -3.51
CA LEU B 488 4.69 -10.92 -4.94
C LEU B 488 5.91 -11.43 -5.69
N CYS B 489 7.09 -11.00 -5.23
CA CYS B 489 8.36 -11.33 -5.86
C CYS B 489 8.95 -12.67 -5.40
N SER B 490 8.27 -13.34 -4.47
CA SER B 490 8.80 -14.57 -3.90
C SER B 490 7.92 -15.78 -4.19
N MET B 491 7.26 -15.77 -5.33
CA MET B 491 6.40 -16.87 -5.72
C MET B 491 6.85 -17.49 -7.04
N ARG B 492 7.63 -18.57 -6.93
CA ARG B 492 8.25 -19.21 -8.10
C ARG B 492 7.60 -20.55 -8.45
N THR B 493 7.39 -21.39 -7.46
CA THR B 493 6.76 -22.68 -7.65
C THR B 493 5.25 -22.50 -7.66
N PRO B 494 4.58 -22.94 -8.74
CA PRO B 494 3.13 -22.95 -8.76
C PRO B 494 2.57 -23.89 -7.70
N ALA B 495 1.41 -23.53 -7.13
CA ALA B 495 0.75 -24.37 -6.14
C ALA B 495 0.12 -25.60 -6.80
N TYR B 496 -0.55 -25.38 -7.92
CA TYR B 496 -1.12 -26.46 -8.75
C TYR B 496 -1.37 -25.92 -10.17
N PHE B 497 -2.13 -26.67 -10.97
CA PHE B 497 -2.35 -26.33 -12.39
C PHE B 497 -3.78 -26.58 -12.87
N TYR B 498 -4.08 -26.00 -14.04
CA TYR B 498 -5.29 -26.33 -14.80
C TYR B 498 -4.90 -26.71 -16.23
N GLU B 499 -5.08 -27.99 -16.56
CA GLU B 499 -4.78 -28.51 -17.89
C GLU B 499 -6.08 -28.64 -18.68
N SER B 500 -6.26 -27.71 -19.61
CA SER B 500 -7.49 -27.58 -20.41
C SER B 500 -8.78 -27.81 -19.62
N GLY B 501 -8.98 -26.99 -18.59
CA GLY B 501 -10.24 -26.95 -17.86
C GLY B 501 -10.33 -27.74 -16.56
N LYS B 502 -9.35 -28.61 -16.30
CA LYS B 502 -9.39 -29.45 -15.11
C LYS B 502 -8.18 -29.34 -14.20
N ARG B 503 -8.44 -29.39 -12.89
CA ARG B 503 -7.43 -29.20 -11.86
C ARG B 503 -6.49 -30.40 -11.78
N VAL B 504 -5.21 -30.16 -12.06
CA VAL B 504 -4.19 -31.18 -11.92
C VAL B 504 -3.13 -30.74 -10.92
N GLU B 505 -2.72 -31.68 -10.08
CA GLU B 505 -1.69 -31.45 -9.06
C GLU B 505 -0.31 -31.29 -9.70
N LYS B 506 -0.04 -32.08 -10.74
CA LYS B 506 1.21 -32.05 -11.49
C LYS B 506 0.92 -31.87 -12.98
N LEU B 507 1.94 -31.48 -13.74
CA LEU B 507 1.75 -31.18 -15.16
C LEU B 507 2.51 -32.15 -16.07
N SER B 508 1.77 -32.81 -16.96
CA SER B 508 2.31 -33.78 -17.91
C SER B 508 1.25 -34.18 -18.94
N SER B 509 1.64 -34.20 -20.22
CA SER B 509 0.77 -34.68 -21.29
C SER B 509 1.57 -35.33 -22.42
#